data_5K6L
#
_entry.id   5K6L
#
_cell.length_a   51.215
_cell.length_b   119.724
_cell.length_c   157.489
_cell.angle_alpha   90.00
_cell.angle_beta   90.00
_cell.angle_gamma   90.00
#
_symmetry.space_group_name_H-M   'P 21 21 21'
#
loop_
_entity.id
_entity.type
_entity.pdbx_description
1 polymer B-GLUCOSIDASE
2 non-polymer GLYCEROL
3 water water
#
_entity_poly.entity_id   1
_entity_poly.type   'polypeptide(L)'
_entity_poly.pdbx_seq_one_letter_code
;MNIEKVILDWNEYIEAARSVVSEGCVLLENNGTLPLEKGAVVSIFGRIQTHYYKSGTGSGGMVNVTHVVGVPEGLKLSEH
VTVNEELENIYKEWEEENPFDEGLGWGTEPWSQPEMELTDEIVSNASAKSDVAIVIIGRTAGEDKDFSDVAGAYKLSETE
EDMLRRVRKHFDKMVVLLNVGSLMDLNVISEINPDALMVIWQGGMIGGLGTADVLTGKVNPSGKLTDTIAYEINDYPSTE
NFGDPVRDYYAEDIYVGYRYFETFEKSKVRYPFGYGISYTEFEHTVGEFTADINSRTFTASCTVKNTGSVAGKDVAQFYV
SAPQGKLGKPEKVLVAFKKTGILNPGKEEKITVTVPFDRFASFDDTGVTGAESCFVLEAGEYTVYEGKNVRESYKEGSFT
LEENIVTEKLSKALAPMESFKRMKASENSDGTLSVKYEDVPVSDVDEKKRRLDNMPVEIPQDFTARYSLKDVLSGSVDME
KFIARLSDDDLACIVRGEGMGSSLVTAGTAAAFGGVSEYLRKMDIPAVCCDDGPSGMRLDSGATAFSMPNGTMLASTFNP
DVIERMYGFTSLEMIYNKVECLLGPGMNIHRNPLNGRNFEYFSEDPYLNGTIASAMLKGLHKYGSDGVAKHFCCNNQELG
RQACDSVVSQRALREIYLKGFEIAVKEGGCKAFMTTYAQVNGMWTAGNYDLNTRILRDEWGFKGIVMTDWWAQVNDRGGE
PTKNNTAAMVRAQNDLYMVTANAAMNSANDNTLSQLSEGKLNRAELQRCAMNICEYAMNTMAMKRLCRNDIKVEIAGRVI
EEDAFDIENAEYLVLKGNITVSLKNKESKAGTNYYIPLDIQDLGMYDISVTASSMLGEVAQLPCTLYYTGVPFLTYTFNG
SGGKDVTITKSMDFHNRMAVIRLNVAKNGLNLDRIEFKKQQ
;
_entity_poly.pdbx_strand_id   A
#
# COMPACT_ATOMS: atom_id res chain seq x y z
N LYS A 5 -26.58 -19.05 -4.32
CA LYS A 5 -26.45 -18.02 -5.39
C LYS A 5 -26.45 -16.62 -4.77
N VAL A 6 -25.49 -15.78 -5.15
CA VAL A 6 -25.37 -14.42 -4.64
C VAL A 6 -25.24 -13.45 -5.82
N ILE A 7 -25.99 -12.35 -5.75
CA ILE A 7 -26.00 -11.36 -6.82
C ILE A 7 -24.87 -10.36 -6.60
N LEU A 8 -24.03 -10.19 -7.62
CA LEU A 8 -23.10 -9.06 -7.67
C LEU A 8 -23.81 -7.98 -8.47
N ASP A 9 -24.26 -6.94 -7.78
CA ASP A 9 -24.96 -5.82 -8.41
C ASP A 9 -23.92 -4.83 -8.93
N TRP A 10 -23.79 -4.75 -10.24
CA TRP A 10 -22.70 -3.96 -10.84
C TRP A 10 -22.86 -2.47 -10.55
N ASN A 11 -24.10 -1.98 -10.57
CA ASN A 11 -24.37 -0.57 -10.27
C ASN A 11 -23.98 -0.20 -8.84
N GLU A 12 -24.22 -1.11 -7.90
CA GLU A 12 -23.77 -0.92 -6.51
C GLU A 12 -22.25 -0.97 -6.37
N TYR A 13 -21.59 -1.84 -7.15
CA TYR A 13 -20.12 -1.88 -7.24
C TYR A 13 -19.60 -0.50 -7.72
N ILE A 14 -20.19 0.02 -8.80
CA ILE A 14 -19.83 1.33 -9.33
C ILE A 14 -19.97 2.43 -8.25
N GLU A 15 -21.10 2.41 -7.55
CA GLU A 15 -21.40 3.40 -6.51
C GLU A 15 -20.38 3.31 -5.35
N ALA A 16 -19.99 2.09 -5.00
CA ALA A 16 -18.99 1.86 -3.95
C ALA A 16 -17.62 2.44 -4.34
N ALA A 17 -17.19 2.18 -5.57
CA ALA A 17 -15.92 2.73 -6.08
C ALA A 17 -15.97 4.24 -6.19
N ARG A 18 -17.10 4.73 -6.71
CA ARG A 18 -17.34 6.17 -6.85
C ARG A 18 -17.23 6.88 -5.49
N SER A 19 -17.77 6.26 -4.43
CA SER A 19 -17.65 6.81 -3.07
C SER A 19 -16.21 6.91 -2.59
N VAL A 20 -15.41 5.88 -2.89
CA VAL A 20 -13.98 5.92 -2.58
C VAL A 20 -13.30 7.10 -3.29
N VAL A 21 -13.61 7.27 -4.58
CA VAL A 21 -13.02 8.37 -5.35
C VAL A 21 -13.40 9.73 -4.71
N SER A 22 -14.66 9.90 -4.39
CA SER A 22 -15.13 11.18 -3.85
C SER A 22 -14.67 11.44 -2.40
N GLU A 23 -14.25 10.41 -1.69
CA GLU A 23 -13.62 10.57 -0.36
C GLU A 23 -12.09 10.67 -0.40
N GLY A 24 -11.48 10.29 -1.52
CA GLY A 24 -10.02 10.21 -1.66
C GLY A 24 -9.32 11.37 -2.34
N CYS A 25 -10.06 12.14 -3.16
CA CYS A 25 -9.54 13.39 -3.70
C CYS A 25 -9.12 14.29 -2.54
N VAL A 26 -8.00 15.01 -2.71
CA VAL A 26 -7.50 15.89 -1.65
C VAL A 26 -7.51 17.33 -2.15
N LEU A 27 -8.37 18.15 -1.54
CA LEU A 27 -8.39 19.59 -1.80
C LEU A 27 -7.29 20.23 -0.98
N LEU A 28 -6.39 20.96 -1.66
CA LEU A 28 -5.25 21.61 -1.02
C LEU A 28 -5.44 23.10 -0.82
N GLU A 29 -6.00 23.77 -1.82
CA GLU A 29 -6.29 25.21 -1.76
C GLU A 29 -7.61 25.48 -2.46
N ASN A 30 -8.30 26.51 -2.00
CA ASN A 30 -9.55 26.93 -2.60
C ASN A 30 -9.96 28.29 -2.04
N ASN A 31 -10.25 29.24 -2.93
CA ASN A 31 -10.72 30.59 -2.52
C ASN A 31 -12.24 30.77 -2.66
N GLY A 32 -12.96 29.67 -2.88
CA GLY A 32 -14.40 29.70 -3.16
C GLY A 32 -14.76 29.43 -4.61
N THR A 33 -13.76 29.34 -5.50
CA THR A 33 -14.00 28.98 -6.91
C THR A 33 -14.60 27.57 -7.06
N LEU A 34 -14.23 26.66 -6.17
CA LEU A 34 -14.93 25.38 -6.02
C LEU A 34 -15.89 25.48 -4.83
N PRO A 35 -17.03 24.79 -4.87
CA PRO A 35 -17.48 23.97 -5.99
C PRO A 35 -17.94 24.80 -7.18
N LEU A 36 -17.97 24.18 -8.36
CA LEU A 36 -18.43 24.87 -9.57
C LEU A 36 -19.92 25.25 -9.41
N GLU A 37 -20.30 26.39 -9.97
CA GLU A 37 -21.68 26.88 -9.87
C GLU A 37 -22.57 26.21 -10.90
N LYS A 38 -23.81 25.91 -10.52
CA LYS A 38 -24.78 25.29 -11.40
C LYS A 38 -24.96 26.17 -12.65
N GLY A 39 -24.88 25.54 -13.83
CA GLY A 39 -24.99 26.25 -15.10
C GLY A 39 -23.69 26.83 -15.65
N ALA A 40 -22.57 26.67 -14.93
CA ALA A 40 -21.29 27.20 -15.43
C ALA A 40 -20.82 26.50 -16.69
N VAL A 41 -20.15 27.24 -17.57
CA VAL A 41 -19.45 26.67 -18.71
C VAL A 41 -17.97 26.58 -18.31
N VAL A 42 -17.41 25.38 -18.46
CA VAL A 42 -16.02 25.10 -18.10
C VAL A 42 -15.17 24.91 -19.35
N SER A 43 -14.01 25.57 -19.38
CA SER A 43 -12.94 25.28 -20.35
C SER A 43 -11.89 24.36 -19.72
N ILE A 44 -11.68 23.18 -20.31
CA ILE A 44 -10.73 22.19 -19.78
C ILE A 44 -9.45 22.22 -20.60
N PHE A 45 -8.32 22.49 -19.94
CA PHE A 45 -7.01 22.49 -20.57
C PHE A 45 -6.19 21.29 -20.13
N GLY A 46 -5.21 20.92 -20.95
CA GLY A 46 -4.32 19.79 -20.70
C GLY A 46 -4.73 18.64 -21.58
N ARG A 47 -3.86 18.24 -22.51
CA ARG A 47 -4.17 17.14 -23.45
C ARG A 47 -4.48 15.80 -22.76
N ILE A 48 -3.97 15.60 -21.53
CA ILE A 48 -4.27 14.38 -20.78
C ILE A 48 -5.75 14.23 -20.43
N GLN A 49 -6.55 15.29 -20.57
CA GLN A 49 -7.99 15.21 -20.36
C GLN A 49 -8.68 14.11 -21.15
N THR A 50 -8.15 13.78 -22.34
CA THR A 50 -8.74 12.76 -23.20
C THR A 50 -8.28 11.33 -22.88
N HIS A 51 -7.25 11.18 -22.06
CA HIS A 51 -6.69 9.86 -21.70
C HIS A 51 -6.43 9.84 -20.19
N TYR A 52 -7.52 9.99 -19.43
CA TYR A 52 -7.49 9.96 -17.98
C TYR A 52 -6.65 8.79 -17.46
N TYR A 53 -5.69 9.07 -16.59
CA TYR A 53 -4.89 8.03 -15.96
C TYR A 53 -5.74 7.37 -14.89
N LYS A 54 -6.20 6.15 -15.18
CA LYS A 54 -7.06 5.41 -14.24
C LYS A 54 -6.23 4.59 -13.24
N SER A 55 -4.96 4.36 -13.57
CA SER A 55 -4.06 3.53 -12.77
C SER A 55 -2.62 3.88 -13.13
N GLY A 56 -1.67 3.29 -12.39
CA GLY A 56 -0.28 3.34 -12.77
C GLY A 56 0.00 2.34 -13.87
N THR A 57 1.27 2.19 -14.21
CA THR A 57 1.71 1.20 -15.19
C THR A 57 2.23 -0.01 -14.43
N GLY A 58 2.29 -1.14 -15.12
CA GLY A 58 2.90 -2.35 -14.58
C GLY A 58 1.88 -3.37 -14.14
N SER A 59 2.33 -4.33 -13.31
CA SER A 59 1.52 -5.48 -12.89
C SER A 59 0.17 -5.09 -12.27
N GLY A 60 0.16 -3.97 -11.54
CA GLY A 60 -1.05 -3.43 -10.91
C GLY A 60 -1.79 -2.38 -11.74
N GLY A 61 -1.51 -2.32 -13.03
CA GLY A 61 -2.08 -1.32 -13.92
C GLY A 61 -2.55 -1.86 -15.26
N MET A 62 -2.95 -3.14 -15.31
CA MET A 62 -3.32 -3.83 -16.56
C MET A 62 -4.71 -4.47 -16.46
N VAL A 63 -5.65 -3.76 -15.85
CA VAL A 63 -7.03 -4.22 -15.75
C VAL A 63 -7.71 -3.79 -17.04
N ASN A 64 -8.31 -4.73 -17.76
CA ASN A 64 -9.02 -4.46 -19.00
C ASN A 64 -10.44 -3.99 -18.68
N VAL A 65 -10.88 -2.94 -19.38
CA VAL A 65 -12.21 -2.36 -19.17
C VAL A 65 -12.84 -2.00 -20.51
N THR A 66 -14.16 -1.91 -20.53
CA THR A 66 -14.86 -1.50 -21.75
C THR A 66 -14.82 0.03 -21.95
N HIS A 67 -14.81 0.80 -20.85
CA HIS A 67 -14.85 2.26 -20.93
C HIS A 67 -14.26 2.91 -19.68
N VAL A 68 -13.56 4.03 -19.87
CA VAL A 68 -13.05 4.83 -18.74
C VAL A 68 -13.74 6.18 -18.78
N VAL A 69 -14.34 6.57 -17.64
CA VAL A 69 -14.96 7.89 -17.51
C VAL A 69 -13.90 8.87 -17.03
N GLY A 70 -13.43 9.71 -17.94
CA GLY A 70 -12.50 10.79 -17.61
C GLY A 70 -13.22 12.00 -17.05
N VAL A 71 -12.45 13.05 -16.77
CA VAL A 71 -12.98 14.24 -16.09
C VAL A 71 -14.00 15.01 -16.96
N PRO A 72 -13.70 15.26 -18.27
CA PRO A 72 -14.71 15.95 -19.08
C PRO A 72 -16.03 15.20 -19.14
N GLU A 73 -15.99 13.88 -19.36
CA GLU A 73 -17.23 13.10 -19.41
C GLU A 73 -17.98 13.13 -18.07
N GLY A 74 -17.26 13.02 -16.96
CA GLY A 74 -17.87 13.10 -15.64
C GLY A 74 -18.64 14.40 -15.42
N LEU A 75 -18.00 15.51 -15.78
CA LEU A 75 -18.62 16.83 -15.68
C LEU A 75 -19.87 16.95 -16.56
N LYS A 76 -19.78 16.44 -17.80
CA LYS A 76 -20.96 16.46 -18.69
C LYS A 76 -22.11 15.63 -18.14
N LEU A 77 -21.80 14.43 -17.64
CA LEU A 77 -22.81 13.54 -17.05
C LEU A 77 -23.43 14.06 -15.76
N SER A 78 -22.74 14.94 -15.05
CA SER A 78 -23.25 15.53 -13.80
C SER A 78 -24.50 16.38 -14.02
N GLU A 79 -24.64 16.95 -15.21
CA GLU A 79 -25.72 17.88 -15.56
C GLU A 79 -25.70 19.17 -14.73
N HIS A 80 -24.56 19.44 -14.08
CA HIS A 80 -24.39 20.61 -13.23
C HIS A 80 -23.70 21.74 -13.98
N VAL A 81 -22.84 21.38 -14.93
CA VAL A 81 -22.12 22.33 -15.78
C VAL A 81 -22.14 21.78 -17.20
N THR A 82 -21.68 22.62 -18.13
CA THR A 82 -21.34 22.16 -19.48
C THR A 82 -19.87 22.48 -19.77
N VAL A 83 -19.34 21.78 -20.77
CA VAL A 83 -17.96 21.89 -21.18
C VAL A 83 -17.89 22.64 -22.51
N ASN A 84 -16.92 23.54 -22.63
CA ASN A 84 -16.65 24.31 -23.85
C ASN A 84 -16.21 23.36 -24.97
N GLU A 85 -17.14 23.05 -25.88
CA GLU A 85 -16.89 22.08 -26.94
C GLU A 85 -15.87 22.52 -27.98
N GLU A 86 -15.80 23.82 -28.28
CA GLU A 86 -14.79 24.33 -29.22
C GLU A 86 -13.37 23.95 -28.76
N LEU A 87 -13.07 24.23 -27.50
CA LEU A 87 -11.76 23.88 -26.93
C LEU A 87 -11.51 22.36 -26.95
N GLU A 88 -12.53 21.57 -26.59
CA GLU A 88 -12.44 20.10 -26.66
C GLU A 88 -12.05 19.64 -28.07
N ASN A 89 -12.69 20.23 -29.09
CA ASN A 89 -12.42 19.87 -30.49
C ASN A 89 -11.02 20.28 -30.95
N ILE A 90 -10.48 21.37 -30.40
CA ILE A 90 -9.11 21.78 -30.67
C ILE A 90 -8.15 20.71 -30.15
N TYR A 91 -8.35 20.26 -28.92
CA TYR A 91 -7.53 19.17 -28.36
C TYR A 91 -7.68 17.87 -29.15
N LYS A 92 -8.91 17.54 -29.54
CA LYS A 92 -9.18 16.32 -30.30
C LYS A 92 -8.46 16.35 -31.65
N GLU A 93 -8.58 17.46 -32.38
CA GLU A 93 -7.93 17.58 -33.69
C GLU A 93 -6.39 17.57 -33.59
N TRP A 94 -5.85 18.24 -32.58
CA TRP A 94 -4.41 18.22 -32.34
C TRP A 94 -3.91 16.80 -32.02
N GLU A 95 -4.65 16.07 -31.19
CA GLU A 95 -4.26 14.71 -30.80
C GLU A 95 -4.27 13.69 -31.94
N GLU A 96 -5.09 13.93 -32.97
CA GLU A 96 -5.03 13.11 -34.19
C GLU A 96 -3.64 13.13 -34.84
N GLU A 97 -2.95 14.27 -34.74
CA GLU A 97 -1.58 14.43 -35.22
C GLU A 97 -0.50 14.22 -34.15
N ASN A 98 -0.89 14.19 -32.87
CA ASN A 98 0.04 14.00 -31.75
C ASN A 98 -0.50 12.90 -30.82
N PRO A 99 -0.48 11.65 -31.28
CA PRO A 99 -1.18 10.58 -30.56
C PRO A 99 -0.59 10.26 -29.19
N PHE A 100 -1.45 9.87 -28.26
CA PHE A 100 -1.05 9.37 -26.95
C PHE A 100 -0.02 8.25 -27.14
N ASP A 101 1.14 8.37 -26.47
CA ASP A 101 2.23 7.39 -26.57
C ASP A 101 2.00 6.26 -25.54
N GLU A 102 1.60 5.10 -26.05
CA GLU A 102 1.36 3.92 -25.20
C GLU A 102 2.64 3.13 -24.85
N GLY A 103 3.78 3.47 -25.45
CA GLY A 103 5.04 2.75 -25.25
C GLY A 103 5.18 1.51 -26.13
N LEU A 104 6.36 0.88 -26.08
CA LEU A 104 6.66 -0.35 -26.83
C LEU A 104 7.21 -1.42 -25.88
N GLY A 105 6.31 -2.20 -25.28
CA GLY A 105 6.68 -3.28 -24.36
C GLY A 105 6.62 -2.89 -22.89
N TRP A 106 7.18 -3.75 -22.03
CA TRP A 106 7.10 -3.58 -20.57
C TRP A 106 7.91 -2.38 -20.05
N GLY A 107 7.26 -1.55 -19.23
CA GLY A 107 7.90 -0.40 -18.58
C GLY A 107 8.32 0.75 -19.48
N THR A 108 7.83 0.77 -20.72
CA THR A 108 8.22 1.75 -21.73
C THR A 108 7.22 2.89 -21.94
N GLU A 109 5.97 2.73 -21.47
CA GLU A 109 5.01 3.85 -21.52
C GLU A 109 5.60 5.01 -20.73
N PRO A 110 5.70 6.21 -21.33
CA PRO A 110 6.28 7.32 -20.60
C PRO A 110 5.38 7.74 -19.45
N TRP A 111 5.93 8.37 -18.44
CA TRP A 111 5.16 8.70 -17.25
C TRP A 111 4.50 10.09 -17.35
N SER A 112 4.68 10.76 -18.49
CA SER A 112 3.80 11.86 -18.90
C SER A 112 3.71 11.91 -20.43
N GLN A 113 2.78 12.70 -20.92
CA GLN A 113 2.57 12.87 -22.37
C GLN A 113 2.91 14.32 -22.74
N PRO A 114 3.45 14.54 -23.96
CA PRO A 114 3.78 15.93 -24.34
C PRO A 114 2.55 16.83 -24.34
N GLU A 115 2.68 18.00 -23.73
CA GLU A 115 1.56 18.94 -23.63
C GLU A 115 1.39 19.71 -24.93
N MET A 116 0.15 20.06 -25.27
CA MET A 116 -0.14 20.88 -26.45
C MET A 116 0.23 22.34 -26.17
N GLU A 117 1.10 22.91 -27.01
CA GLU A 117 1.44 24.33 -26.89
C GLU A 117 0.20 25.17 -27.16
N LEU A 118 -0.05 26.16 -26.31
CA LEU A 118 -1.22 27.02 -26.39
C LEU A 118 -0.81 28.42 -26.85
N THR A 119 -1.70 29.08 -27.57
CA THR A 119 -1.51 30.46 -28.01
C THR A 119 -2.42 31.37 -27.21
N ASP A 120 -2.09 32.66 -27.20
CA ASP A 120 -2.99 33.65 -26.60
C ASP A 120 -4.37 33.66 -27.22
N GLU A 121 -4.45 33.38 -28.53
CA GLU A 121 -5.73 33.35 -29.25
C GLU A 121 -6.64 32.23 -28.73
N ILE A 122 -6.10 31.02 -28.60
CA ILE A 122 -6.89 29.86 -28.11
C ILE A 122 -7.36 30.15 -26.68
N VAL A 123 -6.46 30.61 -25.83
CA VAL A 123 -6.78 30.78 -24.41
C VAL A 123 -7.74 31.96 -24.20
N SER A 124 -7.49 33.07 -24.90
CA SER A 124 -8.39 34.23 -24.87
C SER A 124 -9.81 33.87 -25.35
N ASN A 125 -9.89 33.20 -26.50
CA ASN A 125 -11.18 32.77 -27.05
C ASN A 125 -11.95 31.86 -26.08
N ALA A 126 -11.24 30.96 -25.41
CA ALA A 126 -11.86 30.06 -24.41
C ALA A 126 -12.41 30.86 -23.24
N SER A 127 -11.62 31.81 -22.73
CA SER A 127 -12.05 32.67 -21.64
C SER A 127 -13.29 33.49 -21.99
N ALA A 128 -13.34 34.00 -23.22
CA ALA A 128 -14.50 34.77 -23.69
C ALA A 128 -15.82 33.99 -23.61
N LYS A 129 -15.80 32.66 -23.75
CA LYS A 129 -17.06 31.89 -23.71
C LYS A 129 -17.14 30.79 -22.65
N SER A 130 -16.50 31.03 -21.52
CA SER A 130 -16.64 30.14 -20.38
C SER A 130 -16.42 30.90 -19.08
N ASP A 131 -16.83 30.28 -17.98
CA ASP A 131 -16.83 30.91 -16.67
C ASP A 131 -15.60 30.55 -15.84
N VAL A 132 -15.04 29.37 -16.08
CA VAL A 132 -13.93 28.86 -15.27
C VAL A 132 -13.05 27.93 -16.10
N ALA A 133 -11.74 27.99 -15.84
CA ALA A 133 -10.78 27.08 -16.46
C ALA A 133 -10.42 25.97 -15.49
N ILE A 134 -10.40 24.74 -16.00
CA ILE A 134 -9.86 23.58 -15.28
C ILE A 134 -8.64 23.11 -16.06
N VAL A 135 -7.48 23.07 -15.40
CA VAL A 135 -6.25 22.59 -16.02
C VAL A 135 -5.88 21.26 -15.36
N ILE A 136 -5.77 20.21 -16.18
CA ILE A 136 -5.40 18.88 -15.70
C ILE A 136 -3.94 18.57 -16.03
N ILE A 137 -3.14 18.31 -15.00
CA ILE A 137 -1.77 17.83 -15.15
C ILE A 137 -1.79 16.34 -14.85
N GLY A 138 -1.21 15.56 -15.75
CA GLY A 138 -1.24 14.10 -15.67
C GLY A 138 0.13 13.48 -15.50
N ARG A 139 0.25 12.55 -14.54
CA ARG A 139 1.45 11.74 -14.37
C ARG A 139 1.05 10.31 -14.07
N THR A 140 1.79 9.37 -14.63
CA THR A 140 1.65 7.98 -14.22
C THR A 140 2.97 7.50 -13.63
N ALA A 141 3.03 6.23 -13.28
CA ALA A 141 4.12 5.68 -12.46
C ALA A 141 4.14 4.19 -12.66
N GLY A 142 5.05 3.48 -12.00
CA GLY A 142 5.07 2.01 -12.14
C GLY A 142 6.34 1.31 -11.72
N GLU A 143 6.46 0.06 -12.17
CA GLU A 143 7.59 -0.82 -11.82
C GLU A 143 8.91 -0.48 -12.53
N ASP A 144 10.02 -0.82 -11.88
CA ASP A 144 11.40 -0.84 -12.45
C ASP A 144 12.21 0.45 -12.62
N LYS A 145 11.57 1.61 -12.45
CA LYS A 145 12.32 2.88 -12.44
C LYS A 145 11.65 3.85 -11.47
N ASP A 146 12.39 4.86 -11.04
CA ASP A 146 11.87 5.87 -10.13
C ASP A 146 11.70 7.19 -10.85
N PHE A 147 10.95 8.11 -10.24
CA PHE A 147 10.88 9.47 -10.74
C PHE A 147 12.21 10.15 -10.62
N SER A 148 12.50 10.97 -11.62
CA SER A 148 13.60 11.88 -11.57
C SER A 148 12.99 13.21 -11.16
N ASP A 149 13.77 14.02 -10.46
CA ASP A 149 13.39 15.38 -10.13
C ASP A 149 13.71 16.30 -11.32
N VAL A 150 12.99 16.09 -12.43
CA VAL A 150 13.20 16.82 -13.68
C VAL A 150 11.89 17.14 -14.38
N ALA A 151 11.97 18.06 -15.34
CA ALA A 151 10.82 18.46 -16.16
C ALA A 151 10.20 17.23 -16.84
N GLY A 152 8.87 17.13 -16.77
CA GLY A 152 8.14 16.00 -17.34
C GLY A 152 7.96 14.79 -16.43
N ALA A 153 8.61 14.82 -15.26
CA ALA A 153 8.49 13.76 -14.25
C ALA A 153 7.96 14.38 -12.94
N TYR A 154 8.79 14.52 -11.91
CA TYR A 154 8.38 15.20 -10.68
C TYR A 154 8.04 16.68 -10.91
N LYS A 155 8.74 17.33 -11.85
CA LYS A 155 8.49 18.75 -12.17
C LYS A 155 7.60 18.89 -13.39
N LEU A 156 6.95 20.03 -13.48
CA LEU A 156 6.22 20.42 -14.69
C LEU A 156 7.16 20.47 -15.89
N SER A 157 6.65 20.15 -17.06
CA SER A 157 7.37 20.45 -18.31
C SER A 157 7.28 21.95 -18.60
N GLU A 158 8.14 22.43 -19.49
CA GLU A 158 8.10 23.83 -19.94
C GLU A 158 6.74 24.17 -20.56
N THR A 159 6.23 23.28 -21.42
CA THR A 159 4.94 23.50 -22.08
C THR A 159 3.76 23.49 -21.10
N GLU A 160 3.81 22.64 -20.07
CA GLU A 160 2.79 22.65 -18.99
C GLU A 160 2.84 23.96 -18.19
N GLU A 161 4.04 24.42 -17.85
CA GLU A 161 4.19 25.70 -17.17
C GLU A 161 3.62 26.84 -18.02
N ASP A 162 3.92 26.85 -19.32
CA ASP A 162 3.35 27.86 -20.23
C ASP A 162 1.82 27.81 -20.21
N MET A 163 1.25 26.60 -20.31
CA MET A 163 -0.20 26.40 -20.23
C MET A 163 -0.79 27.03 -18.97
N LEU A 164 -0.18 26.73 -17.83
CA LEU A 164 -0.65 27.25 -16.55
C LEU A 164 -0.61 28.78 -16.49
N ARG A 165 0.47 29.37 -16.98
CA ARG A 165 0.64 30.83 -16.94
C ARG A 165 -0.35 31.56 -17.85
N ARG A 166 -0.56 31.05 -19.06
CA ARG A 166 -1.53 31.64 -20.00
C ARG A 166 -2.96 31.58 -19.46
N VAL A 167 -3.33 30.42 -18.95
CA VAL A 167 -4.64 30.23 -18.34
C VAL A 167 -4.81 31.20 -17.16
N ARG A 168 -3.80 31.32 -16.31
CA ARG A 168 -3.86 32.23 -15.15
C ARG A 168 -4.09 33.69 -15.59
N LYS A 169 -3.42 34.11 -16.66
CA LYS A 169 -3.54 35.47 -17.18
C LYS A 169 -4.95 35.77 -17.70
N HIS A 170 -5.53 34.83 -18.45
CA HIS A 170 -6.80 35.07 -19.14
C HIS A 170 -8.06 34.74 -18.35
N PHE A 171 -7.96 33.88 -17.34
CA PHE A 171 -9.11 33.48 -16.55
C PHE A 171 -9.00 34.05 -15.15
N ASP A 172 -10.05 34.71 -14.68
CA ASP A 172 -10.14 35.09 -13.27
C ASP A 172 -10.53 33.92 -12.35
N LYS A 173 -11.05 32.81 -12.91
CA LYS A 173 -11.33 31.59 -12.15
C LYS A 173 -10.61 30.38 -12.77
N MET A 174 -9.71 29.79 -11.99
CA MET A 174 -8.78 28.78 -12.46
C MET A 174 -8.62 27.68 -11.43
N VAL A 175 -8.91 26.45 -11.83
CA VAL A 175 -8.77 25.26 -10.98
C VAL A 175 -7.70 24.36 -11.59
N VAL A 176 -6.81 23.82 -10.74
CA VAL A 176 -5.79 22.88 -11.20
C VAL A 176 -6.08 21.52 -10.55
N LEU A 177 -6.13 20.48 -11.38
CA LEU A 177 -6.32 19.11 -10.94
C LEU A 177 -5.08 18.29 -11.26
N LEU A 178 -4.60 17.53 -10.28
CA LEU A 178 -3.45 16.64 -10.48
C LEU A 178 -3.92 15.17 -10.60
N ASN A 179 -3.97 14.69 -11.84
CA ASN A 179 -4.33 13.31 -12.19
C ASN A 179 -3.02 12.53 -12.18
N VAL A 180 -2.58 12.17 -10.98
CA VAL A 180 -1.22 11.65 -10.75
C VAL A 180 -1.23 10.39 -9.89
N GLY A 181 -0.31 9.47 -10.16
CA GLY A 181 -0.12 8.28 -9.34
C GLY A 181 0.43 8.64 -7.98
N SER A 182 1.48 9.46 -7.98
CA SER A 182 2.07 9.97 -6.76
C SER A 182 2.25 11.48 -6.87
N LEU A 183 2.50 12.10 -5.71
CA LEU A 183 2.62 13.55 -5.63
C LEU A 183 3.75 14.05 -6.52
N MET A 184 3.57 15.23 -7.10
CA MET A 184 4.59 15.88 -7.94
C MET A 184 4.91 17.22 -7.33
N ASP A 185 5.90 17.91 -7.91
CA ASP A 185 6.33 19.22 -7.43
C ASP A 185 5.17 20.23 -7.47
N LEU A 186 4.95 20.91 -6.34
CA LEU A 186 3.94 21.96 -6.24
C LEU A 186 4.50 23.37 -6.22
N ASN A 187 5.83 23.54 -6.27
CA ASN A 187 6.43 24.87 -6.13
C ASN A 187 6.03 25.83 -7.24
N VAL A 188 6.10 25.39 -8.49
CA VAL A 188 5.79 26.27 -9.61
C VAL A 188 4.29 26.50 -9.72
N ILE A 189 3.50 25.44 -9.55
CA ILE A 189 2.05 25.55 -9.47
C ILE A 189 1.64 26.58 -8.41
N SER A 190 2.23 26.49 -7.22
CA SER A 190 1.93 27.41 -6.11
C SER A 190 2.30 28.85 -6.41
N GLU A 191 3.43 29.05 -7.11
CA GLU A 191 3.85 30.39 -7.53
C GLU A 191 2.88 30.99 -8.56
N ILE A 192 2.44 30.17 -9.52
CA ILE A 192 1.44 30.61 -10.52
C ILE A 192 0.11 30.97 -9.84
N ASN A 193 -0.23 30.23 -8.79
CA ASN A 193 -1.30 30.58 -7.84
C ASN A 193 -2.69 30.46 -8.45
N PRO A 194 -3.12 29.22 -8.77
CA PRO A 194 -4.50 29.03 -9.21
C PRO A 194 -5.45 29.31 -8.06
N ASP A 195 -6.73 29.44 -8.39
CA ASP A 195 -7.75 29.71 -7.38
C ASP A 195 -8.09 28.48 -6.53
N ALA A 196 -7.97 27.29 -7.12
CA ALA A 196 -8.10 26.04 -6.39
C ALA A 196 -7.15 24.99 -6.93
N LEU A 197 -6.75 24.09 -6.03
CA LEU A 197 -5.81 23.03 -6.34
C LEU A 197 -6.29 21.78 -5.65
N MET A 198 -6.45 20.70 -6.43
CA MET A 198 -6.94 19.43 -5.92
C MET A 198 -6.13 18.30 -6.52
N VAL A 199 -5.72 17.35 -5.68
CA VAL A 199 -5.12 16.12 -6.13
C VAL A 199 -6.26 15.12 -6.34
N ILE A 200 -6.40 14.63 -7.57
CA ILE A 200 -7.45 13.68 -7.90
C ILE A 200 -6.94 12.24 -8.11
N TRP A 201 -5.63 12.04 -7.94
CA TRP A 201 -5.01 10.72 -8.02
C TRP A 201 -5.36 10.00 -9.35
N GLN A 202 -5.55 8.68 -9.30
CA GLN A 202 -6.00 7.89 -10.45
C GLN A 202 -7.13 7.01 -9.93
N GLY A 203 -8.35 7.27 -10.41
CA GLY A 203 -9.56 6.75 -9.76
C GLY A 203 -10.16 5.50 -10.35
N GLY A 204 -9.41 4.76 -11.16
CA GLY A 204 -9.95 3.61 -11.88
C GLY A 204 -10.96 4.04 -12.93
N MET A 205 -11.73 3.08 -13.43
CA MET A 205 -12.56 3.31 -14.61
C MET A 205 -13.75 4.26 -14.40
N ILE A 206 -14.18 4.48 -13.15
CA ILE A 206 -15.23 5.49 -12.87
C ILE A 206 -14.68 6.78 -12.21
N GLY A 207 -13.37 6.99 -12.28
CA GLY A 207 -12.72 8.12 -11.62
C GLY A 207 -13.33 9.46 -11.93
N GLY A 208 -13.67 9.68 -13.20
CA GLY A 208 -14.36 10.92 -13.61
C GLY A 208 -15.67 11.19 -12.92
N LEU A 209 -16.43 10.14 -12.61
CA LEU A 209 -17.71 10.28 -11.90
C LEU A 209 -17.54 10.79 -10.48
N GLY A 210 -16.67 10.15 -9.69
CA GLY A 210 -16.40 10.60 -8.33
C GLY A 210 -15.74 11.97 -8.27
N THR A 211 -14.89 12.27 -9.25
CA THR A 211 -14.23 13.56 -9.33
C THR A 211 -15.24 14.67 -9.67
N ALA A 212 -16.15 14.40 -10.61
CA ALA A 212 -17.25 15.34 -10.89
C ALA A 212 -18.09 15.61 -9.65
N ASP A 213 -18.35 14.57 -8.85
CA ASP A 213 -19.11 14.73 -7.60
C ASP A 213 -18.50 15.77 -6.69
N VAL A 214 -17.18 15.74 -6.49
CA VAL A 214 -16.52 16.74 -5.64
C VAL A 214 -16.41 18.11 -6.31
N LEU A 215 -16.12 18.16 -7.62
CA LEU A 215 -15.99 19.44 -8.33
C LEU A 215 -17.30 20.26 -8.32
N THR A 216 -18.43 19.56 -8.43
CA THR A 216 -19.75 20.20 -8.50
C THR A 216 -20.39 20.44 -7.14
N GLY A 217 -19.78 19.91 -6.08
CA GLY A 217 -20.32 20.04 -4.73
C GLY A 217 -21.38 19.01 -4.33
N LYS A 218 -21.69 18.05 -5.20
CA LYS A 218 -22.58 16.95 -4.82
C LYS A 218 -22.02 16.22 -3.60
N VAL A 219 -20.69 16.07 -3.57
CA VAL A 219 -19.97 15.56 -2.41
C VAL A 219 -18.94 16.63 -2.00
N ASN A 220 -18.86 16.92 -0.71
CA ASN A 220 -17.88 17.86 -0.18
C ASN A 220 -16.55 17.10 0.02
N PRO A 221 -15.44 17.57 -0.61
CA PRO A 221 -14.18 16.84 -0.45
C PRO A 221 -13.75 16.66 1.00
N SER A 222 -13.19 15.48 1.30
CA SER A 222 -12.76 15.14 2.64
C SER A 222 -11.48 14.29 2.70
N GLY A 223 -10.73 14.19 1.60
CA GLY A 223 -9.50 13.41 1.60
C GLY A 223 -8.39 14.16 2.32
N LYS A 224 -7.40 13.42 2.80
CA LYS A 224 -6.27 13.98 3.53
C LYS A 224 -4.97 13.36 3.01
N LEU A 225 -3.89 14.13 3.05
CA LEU A 225 -2.57 13.65 2.64
C LEU A 225 -2.07 12.52 3.53
N THR A 226 -1.54 11.46 2.89
CA THR A 226 -0.94 10.33 3.60
C THR A 226 0.59 10.46 3.65
N ASP A 227 1.12 11.54 3.09
CA ASP A 227 2.56 11.85 3.15
C ASP A 227 2.72 13.33 3.43
N THR A 228 3.89 13.72 3.92
CA THR A 228 4.26 15.12 4.10
C THR A 228 4.74 15.66 2.76
N ILE A 229 4.34 16.89 2.42
CA ILE A 229 4.87 17.59 1.24
C ILE A 229 5.84 18.68 1.72
N ALA A 230 7.12 18.49 1.39
CA ALA A 230 8.15 19.45 1.74
C ALA A 230 8.46 20.30 0.52
N TYR A 231 9.16 21.40 0.73
CA TYR A 231 9.44 22.33 -0.38
C TYR A 231 10.38 21.79 -1.46
N GLU A 232 11.35 20.95 -1.09
CA GLU A 232 12.34 20.42 -2.04
C GLU A 232 12.55 18.92 -1.84
N ILE A 233 12.87 18.22 -2.92
CA ILE A 233 13.27 16.81 -2.85
C ILE A 233 14.44 16.59 -1.89
N ASN A 234 15.41 17.51 -1.87
CA ASN A 234 16.56 17.41 -0.95
C ASN A 234 16.24 17.63 0.54
N ASP A 235 15.03 18.14 0.85
CA ASP A 235 14.56 18.23 2.24
C ASP A 235 14.15 16.89 2.85
N TYR A 236 13.77 15.91 2.02
CA TYR A 236 13.31 14.61 2.53
C TYR A 236 14.50 13.88 3.12
N PRO A 237 14.33 13.28 4.31
CA PRO A 237 15.48 12.71 5.03
C PRO A 237 16.10 11.50 4.35
N SER A 238 15.34 10.79 3.52
CA SER A 238 15.82 9.64 2.78
C SER A 238 16.56 10.00 1.48
N THR A 239 16.43 11.22 0.98
CA THR A 239 16.95 11.56 -0.35
C THR A 239 18.46 11.33 -0.49
N GLU A 240 19.22 11.71 0.54
CA GLU A 240 20.67 11.46 0.61
C GLU A 240 21.03 9.97 0.44
N ASN A 241 20.14 9.07 0.86
CA ASN A 241 20.37 7.63 0.82
C ASN A 241 19.26 6.90 0.06
N PHE A 242 18.95 7.42 -1.12
CA PHE A 242 17.96 6.87 -2.02
C PHE A 242 18.46 6.97 -3.45
N GLY A 243 18.14 5.96 -4.26
CA GLY A 243 18.45 5.98 -5.69
C GLY A 243 19.73 5.29 -6.14
N ASP A 244 20.44 4.66 -5.20
CA ASP A 244 21.62 3.85 -5.53
C ASP A 244 21.13 2.44 -5.87
N PRO A 245 21.48 1.93 -7.07
CA PRO A 245 20.99 0.62 -7.47
C PRO A 245 21.61 -0.58 -6.74
N VAL A 246 22.73 -0.38 -6.04
CA VAL A 246 23.46 -1.47 -5.39
C VAL A 246 23.12 -1.57 -3.90
N ARG A 247 23.15 -0.44 -3.19
CA ARG A 247 22.95 -0.46 -1.75
C ARG A 247 22.50 0.91 -1.26
N ASP A 248 21.54 0.92 -0.34
CA ASP A 248 21.10 2.16 0.30
C ASP A 248 21.00 1.95 1.81
N TYR A 249 21.68 2.82 2.56
CA TYR A 249 21.69 2.80 4.02
C TYR A 249 20.54 3.66 4.52
N TYR A 250 19.61 3.04 5.25
CA TYR A 250 18.43 3.75 5.78
C TYR A 250 18.83 4.60 6.98
N ALA A 251 19.66 5.61 6.74
CA ALA A 251 20.27 6.41 7.82
C ALA A 251 19.23 7.20 8.63
N GLU A 252 18.15 7.61 7.97
CA GLU A 252 17.07 8.31 8.65
C GLU A 252 16.35 7.46 9.71
N ASP A 253 16.44 6.13 9.60
CA ASP A 253 16.02 5.22 10.66
C ASP A 253 14.50 5.36 10.88
N ILE A 254 14.05 5.52 12.13
CA ILE A 254 12.63 5.74 12.40
C ILE A 254 12.12 7.10 11.92
N TYR A 255 13.03 8.03 11.59
CA TYR A 255 12.64 9.39 11.23
C TYR A 255 12.31 9.48 9.75
N VAL A 256 11.20 8.82 9.39
CA VAL A 256 10.65 8.78 8.03
C VAL A 256 9.48 9.77 7.97
N GLY A 257 9.44 10.57 6.92
CA GLY A 257 8.32 11.49 6.70
C GLY A 257 8.09 12.49 7.83
N TYR A 258 6.85 12.61 8.31
CA TYR A 258 6.54 13.57 9.39
C TYR A 258 7.27 13.24 10.72
N ARG A 259 7.71 11.99 10.90
CA ARG A 259 8.55 11.64 12.06
C ARG A 259 9.87 12.43 12.04
N TYR A 260 10.37 12.72 10.84
CA TYR A 260 11.50 13.64 10.68
C TYR A 260 11.08 15.10 10.71
N PHE A 261 10.16 15.48 9.84
CA PHE A 261 9.86 16.91 9.64
C PHE A 261 9.32 17.61 10.87
N GLU A 262 8.38 16.97 11.56
CA GLU A 262 7.80 17.59 12.76
C GLU A 262 8.79 17.66 13.92
N THR A 263 9.72 16.72 13.96
CA THR A 263 10.72 16.64 15.01
C THR A 263 11.87 17.64 14.81
N PHE A 264 12.34 17.78 13.58
CA PHE A 264 13.58 18.51 13.27
C PHE A 264 13.45 19.70 12.31
N GLU A 265 12.49 19.68 11.38
CA GLU A 265 12.47 20.65 10.27
C GLU A 265 11.05 21.09 9.87
N LYS A 266 10.33 21.66 10.82
CA LYS A 266 8.94 22.09 10.60
C LYS A 266 8.80 23.07 9.44
N SER A 267 9.76 23.98 9.33
CA SER A 267 9.75 25.03 8.30
C SER A 267 9.97 24.51 6.87
N LYS A 268 10.47 23.29 6.71
CA LYS A 268 10.60 22.70 5.37
C LYS A 268 9.28 22.09 4.82
N VAL A 269 8.23 22.05 5.64
CA VAL A 269 6.92 21.48 5.25
C VAL A 269 6.03 22.53 4.57
N ARG A 270 5.56 22.24 3.36
CA ARG A 270 4.50 23.03 2.75
C ARG A 270 3.15 22.53 3.28
N TYR A 271 2.87 21.24 3.11
CA TYR A 271 1.65 20.62 3.64
C TYR A 271 1.99 19.46 4.57
N PRO A 272 1.51 19.50 5.83
CA PRO A 272 1.84 18.42 6.75
C PRO A 272 1.07 17.12 6.49
N PHE A 273 1.59 16.01 7.02
CA PHE A 273 0.88 14.74 7.04
C PHE A 273 -0.51 14.93 7.62
N GLY A 274 -1.51 14.34 6.94
CA GLY A 274 -2.90 14.42 7.38
C GLY A 274 -3.66 15.68 6.95
N TYR A 275 -3.01 16.53 6.14
CA TYR A 275 -3.61 17.80 5.69
C TYR A 275 -4.65 17.60 4.58
N GLY A 276 -5.78 18.28 4.72
CA GLY A 276 -6.72 18.39 3.62
C GLY A 276 -7.85 19.30 4.01
N ILE A 277 -8.41 20.03 3.03
CA ILE A 277 -9.48 20.98 3.33
C ILE A 277 -10.79 20.62 2.64
N SER A 278 -11.82 21.41 2.94
CA SER A 278 -13.20 21.11 2.59
C SER A 278 -13.84 22.41 2.10
N TYR A 279 -15.03 22.29 1.53
CA TYR A 279 -15.87 23.47 1.24
C TYR A 279 -16.52 24.06 2.50
N THR A 280 -16.40 23.39 3.64
CA THR A 280 -16.81 23.97 4.92
C THR A 280 -15.61 24.03 5.87
N GLU A 281 -15.86 24.50 7.09
CA GLU A 281 -14.83 24.61 8.11
C GLU A 281 -15.30 23.83 9.33
N PHE A 282 -14.35 23.30 10.09
CA PHE A 282 -14.63 22.52 11.27
C PHE A 282 -13.83 23.03 12.47
N GLU A 283 -14.39 22.81 13.65
CA GLU A 283 -13.76 23.15 14.91
C GLU A 283 -13.64 21.86 15.69
N HIS A 284 -12.41 21.52 16.08
CA HIS A 284 -12.14 20.34 16.90
C HIS A 284 -11.94 20.83 18.33
N THR A 285 -12.75 20.35 19.25
CA THR A 285 -12.66 20.72 20.66
C THR A 285 -12.22 19.51 21.46
N VAL A 286 -11.06 19.63 22.10
CA VAL A 286 -10.50 18.53 22.90
C VAL A 286 -11.43 18.23 24.08
N GLY A 287 -11.56 16.94 24.42
CA GLY A 287 -12.55 16.44 25.38
C GLY A 287 -11.95 15.68 26.55
N GLU A 288 -12.70 14.70 27.05
CA GLU A 288 -12.29 13.90 28.20
C GLU A 288 -11.08 13.01 27.88
N PHE A 289 -10.20 12.82 28.86
CA PHE A 289 -9.02 11.98 28.69
C PHE A 289 -8.81 11.13 29.94
N THR A 290 -8.67 9.82 29.75
CA THR A 290 -8.29 8.92 30.84
C THR A 290 -7.19 7.98 30.37
N ALA A 291 -6.42 7.46 31.32
CA ALA A 291 -5.43 6.44 31.03
C ALA A 291 -5.67 5.25 31.94
N ASP A 292 -5.35 4.06 31.44
CA ASP A 292 -5.46 2.82 32.20
C ASP A 292 -4.14 2.08 32.02
N ILE A 293 -3.21 2.33 32.94
CA ILE A 293 -1.85 1.82 32.82
C ILE A 293 -1.83 0.29 32.91
N ASN A 294 -2.68 -0.27 33.77
CA ASN A 294 -2.72 -1.72 33.94
C ASN A 294 -3.23 -2.44 32.68
N SER A 295 -4.18 -1.85 31.98
CA SER A 295 -4.64 -2.39 30.69
C SER A 295 -3.77 -1.97 29.49
N ARG A 296 -2.82 -1.07 29.71
CA ARG A 296 -1.97 -0.49 28.65
C ARG A 296 -2.80 0.14 27.55
N THR A 297 -3.74 1.00 27.96
CA THR A 297 -4.51 1.80 27.03
C THR A 297 -4.70 3.20 27.60
N PHE A 298 -5.01 4.14 26.71
CA PHE A 298 -5.67 5.38 27.09
C PHE A 298 -6.95 5.55 26.27
N THR A 299 -7.85 6.40 26.76
CA THR A 299 -9.09 6.71 26.06
C THR A 299 -9.22 8.22 25.95
N ALA A 300 -9.37 8.70 24.72
CA ALA A 300 -9.40 10.13 24.44
C ALA A 300 -10.64 10.46 23.63
N SER A 301 -11.29 11.58 24.00
CA SER A 301 -12.47 12.09 23.31
C SER A 301 -12.22 13.47 22.74
N CYS A 302 -12.93 13.77 21.65
CA CYS A 302 -13.04 15.15 21.17
C CYS A 302 -14.36 15.31 20.46
N THR A 303 -14.73 16.55 20.17
CA THR A 303 -15.95 16.84 19.42
C THR A 303 -15.56 17.63 18.18
N VAL A 304 -16.06 17.21 17.02
CA VAL A 304 -15.84 17.90 15.74
C VAL A 304 -17.16 18.53 15.34
N LYS A 305 -17.15 19.87 15.19
CA LYS A 305 -18.34 20.64 14.82
C LYS A 305 -18.14 21.30 13.46
N ASN A 306 -19.16 21.21 12.62
CA ASN A 306 -19.18 21.91 11.33
C ASN A 306 -19.56 23.36 11.59
N THR A 307 -18.61 24.27 11.44
CA THR A 307 -18.83 25.69 11.72
C THR A 307 -18.98 26.55 10.45
N GLY A 308 -18.99 25.93 9.26
CA GLY A 308 -19.22 26.65 7.99
C GLY A 308 -20.63 26.46 7.48
N SER A 309 -20.84 26.65 6.18
CA SER A 309 -22.19 26.80 5.61
C SER A 309 -22.69 25.64 4.75
N VAL A 310 -21.91 24.58 4.60
CA VAL A 310 -22.35 23.40 3.84
C VAL A 310 -21.95 22.10 4.55
N ALA A 311 -22.72 21.05 4.30
CA ALA A 311 -22.48 19.76 4.93
C ALA A 311 -21.16 19.15 4.49
N GLY A 312 -20.52 18.39 5.39
CA GLY A 312 -19.28 17.72 5.04
C GLY A 312 -18.74 16.84 6.15
N LYS A 313 -17.74 16.05 5.80
CA LYS A 313 -16.98 15.22 6.74
C LYS A 313 -15.62 15.84 7.07
N ASP A 314 -15.10 15.51 8.25
CA ASP A 314 -13.72 15.81 8.62
C ASP A 314 -13.11 14.58 9.31
N VAL A 315 -11.80 14.62 9.54
CA VAL A 315 -11.06 13.52 10.18
C VAL A 315 -10.40 14.01 11.48
N ALA A 316 -10.74 13.38 12.59
CA ALA A 316 -10.04 13.60 13.86
C ALA A 316 -8.81 12.70 13.88
N GLN A 317 -7.64 13.28 14.12
CA GLN A 317 -6.38 12.54 14.11
C GLN A 317 -5.73 12.66 15.47
N PHE A 318 -5.28 11.54 16.03
CA PHE A 318 -4.68 11.49 17.37
C PHE A 318 -3.22 11.09 17.30
N TYR A 319 -2.38 11.82 18.02
CA TYR A 319 -0.93 11.63 18.00
C TYR A 319 -0.40 11.53 19.43
N VAL A 320 0.70 10.80 19.61
CA VAL A 320 1.38 10.70 20.89
C VAL A 320 2.80 11.25 20.80
N SER A 321 3.16 12.10 21.77
CA SER A 321 4.55 12.52 21.97
C SER A 321 5.14 11.72 23.14
N ALA A 322 6.06 10.83 22.83
CA ALA A 322 6.76 10.02 23.85
C ALA A 322 7.93 10.83 24.45
N PRO A 323 8.29 10.55 25.72
CA PRO A 323 9.46 11.20 26.31
C PRO A 323 10.72 10.72 25.61
N GLN A 324 11.68 11.63 25.37
CA GLN A 324 12.87 11.27 24.60
C GLN A 324 13.61 10.08 25.19
N GLY A 325 13.76 10.05 26.51
CA GLY A 325 14.46 8.96 27.19
C GLY A 325 15.88 8.78 26.67
N LYS A 326 16.34 7.54 26.65
CA LYS A 326 17.67 7.21 26.13
C LYS A 326 17.67 6.85 24.64
N LEU A 327 16.51 6.47 24.10
CA LEU A 327 16.45 6.04 22.69
C LEU A 327 16.29 7.20 21.72
N GLY A 328 15.63 8.28 22.16
CA GLY A 328 15.23 9.36 21.26
C GLY A 328 13.92 9.02 20.56
N LYS A 329 13.09 10.02 20.30
CA LYS A 329 11.75 9.78 19.75
C LYS A 329 11.36 10.85 18.73
N PRO A 330 10.48 10.50 17.78
CA PRO A 330 9.81 11.54 17.01
C PRO A 330 8.94 12.41 17.93
N GLU A 331 8.72 13.66 17.55
CA GLU A 331 7.83 14.56 18.30
C GLU A 331 6.42 13.96 18.41
N LYS A 332 5.89 13.44 17.30
CA LYS A 332 4.51 12.94 17.26
C LYS A 332 4.43 11.70 16.38
N VAL A 333 3.64 10.73 16.82
CA VAL A 333 3.32 9.54 16.01
C VAL A 333 1.81 9.33 16.00
N LEU A 334 1.28 9.03 14.82
CA LEU A 334 -0.15 8.77 14.66
C LEU A 334 -0.51 7.48 15.38
N VAL A 335 -1.55 7.55 16.22
CA VAL A 335 -2.03 6.37 16.97
C VAL A 335 -3.51 6.02 16.76
N ALA A 336 -4.30 6.94 16.20
CA ALA A 336 -5.70 6.69 15.92
C ALA A 336 -6.25 7.79 15.03
N PHE A 337 -7.32 7.47 14.30
CA PHE A 337 -8.04 8.46 13.55
C PHE A 337 -9.46 8.00 13.31
N LYS A 338 -10.35 8.97 13.09
CA LYS A 338 -11.75 8.66 12.83
C LYS A 338 -12.37 9.77 11.99
N LYS A 339 -12.93 9.36 10.85
CA LYS A 339 -13.66 10.26 9.97
C LYS A 339 -15.10 10.36 10.46
N THR A 340 -15.61 11.58 10.56
CA THR A 340 -16.98 11.82 10.96
C THR A 340 -17.95 11.32 9.88
N GLY A 341 -19.20 11.16 10.27
CA GLY A 341 -20.29 11.09 9.30
C GLY A 341 -20.46 12.47 8.67
N ILE A 342 -21.36 12.57 7.69
CA ILE A 342 -21.65 13.88 7.09
C ILE A 342 -22.28 14.75 8.18
N LEU A 343 -21.68 15.90 8.44
CA LEU A 343 -22.18 16.83 9.44
C LEU A 343 -22.80 18.02 8.74
N ASN A 344 -24.08 18.28 9.03
CA ASN A 344 -24.74 19.50 8.56
C ASN A 344 -24.17 20.73 9.26
N PRO A 345 -24.36 21.92 8.66
CA PRO A 345 -23.90 23.17 9.29
C PRO A 345 -24.40 23.30 10.74
N GLY A 346 -23.49 23.65 11.64
CA GLY A 346 -23.82 23.77 13.07
C GLY A 346 -23.93 22.48 13.87
N LYS A 347 -23.81 21.32 13.22
CA LYS A 347 -23.92 20.04 13.90
C LYS A 347 -22.53 19.51 14.24
N GLU A 348 -22.51 18.57 15.19
CA GLU A 348 -21.25 18.03 15.71
C GLU A 348 -21.33 16.54 15.99
N GLU A 349 -20.15 15.93 16.12
CA GLU A 349 -20.02 14.51 16.43
C GLU A 349 -18.93 14.32 17.49
N LYS A 350 -19.26 13.57 18.53
CA LYS A 350 -18.29 13.20 19.55
C LYS A 350 -17.54 11.95 19.08
N ILE A 351 -16.21 12.04 19.10
CA ILE A 351 -15.33 10.94 18.72
C ILE A 351 -14.57 10.51 19.95
N THR A 352 -14.58 9.20 20.24
CA THR A 352 -13.84 8.61 21.34
C THR A 352 -13.01 7.46 20.79
N VAL A 353 -11.72 7.42 21.16
CA VAL A 353 -10.81 6.35 20.75
C VAL A 353 -10.14 5.75 21.98
N THR A 354 -9.95 4.43 21.96
CA THR A 354 -9.14 3.74 22.96
C THR A 354 -7.91 3.21 22.24
N VAL A 355 -6.74 3.56 22.77
CA VAL A 355 -5.46 3.40 22.07
C VAL A 355 -4.56 2.48 22.92
N PRO A 356 -4.21 1.29 22.39
CA PRO A 356 -3.25 0.44 23.09
C PRO A 356 -1.83 1.03 23.10
N PHE A 357 -1.08 0.78 24.17
CA PHE A 357 0.28 1.32 24.31
C PHE A 357 1.23 0.87 23.20
N ASP A 358 1.01 -0.33 22.67
CA ASP A 358 1.83 -0.84 21.57
C ASP A 358 1.83 0.07 20.33
N ARG A 359 0.84 0.96 20.19
CA ARG A 359 0.81 1.90 19.07
C ARG A 359 1.88 2.99 19.14
N PHE A 360 2.45 3.22 20.32
CA PHE A 360 3.50 4.23 20.46
C PHE A 360 4.69 3.75 21.29
N ALA A 361 4.92 2.44 21.30
CA ALA A 361 6.13 1.88 21.93
C ALA A 361 7.33 2.05 20.99
N SER A 362 8.52 1.87 21.54
CA SER A 362 9.76 1.97 20.78
C SER A 362 10.53 0.65 20.91
N PHE A 363 11.20 0.24 19.85
CA PHE A 363 12.00 -0.99 19.86
C PHE A 363 13.43 -0.68 20.27
N ASP A 364 13.87 -1.25 21.39
CA ASP A 364 15.23 -1.04 21.88
C ASP A 364 16.17 -2.02 21.20
N ASP A 365 16.86 -1.56 20.16
CA ASP A 365 17.83 -2.40 19.45
C ASP A 365 19.30 -2.22 19.89
N THR A 366 19.52 -1.47 20.98
CA THR A 366 20.87 -1.29 21.56
C THR A 366 21.05 -1.84 22.97
N GLY A 367 19.96 -2.00 23.73
CA GLY A 367 20.04 -2.34 25.14
C GLY A 367 20.13 -1.17 26.11
N VAL A 368 20.16 0.07 25.60
CA VAL A 368 20.28 1.26 26.48
C VAL A 368 19.12 1.42 27.48
N THR A 369 17.93 0.89 27.18
CA THR A 369 16.81 0.93 28.13
C THR A 369 16.85 -0.18 29.18
N GLY A 370 17.76 -1.16 29.04
CA GLY A 370 17.74 -2.37 29.85
C GLY A 370 16.87 -3.50 29.32
N ALA A 371 16.21 -3.31 28.18
CA ALA A 371 15.38 -4.35 27.59
C ALA A 371 15.68 -4.48 26.10
N GLU A 372 16.86 -5.02 25.79
CA GLU A 372 17.27 -5.22 24.39
C GLU A 372 16.30 -6.19 23.70
N SER A 373 15.99 -5.91 22.44
CA SER A 373 15.06 -6.71 21.62
C SER A 373 13.62 -6.69 22.13
N CYS A 374 13.21 -5.59 22.78
CA CYS A 374 11.85 -5.42 23.28
C CYS A 374 11.24 -4.13 22.76
N PHE A 375 9.93 -4.17 22.57
CA PHE A 375 9.13 -2.95 22.48
C PHE A 375 8.96 -2.43 23.89
N VAL A 376 9.22 -1.14 24.07
CA VAL A 376 9.20 -0.52 25.41
C VAL A 376 8.59 0.87 25.39
N LEU A 377 8.03 1.26 26.54
CA LEU A 377 7.71 2.64 26.84
C LEU A 377 8.70 3.10 27.90
N GLU A 378 9.59 4.01 27.55
CA GLU A 378 10.54 4.55 28.54
C GLU A 378 9.81 5.43 29.55
N ALA A 379 10.35 5.50 30.75
CA ALA A 379 9.79 6.35 31.81
C ALA A 379 9.74 7.80 31.36
N GLY A 380 8.73 8.54 31.81
CA GLY A 380 8.56 9.95 31.43
C GLY A 380 7.13 10.32 31.10
N GLU A 381 6.94 11.57 30.67
CA GLU A 381 5.61 12.08 30.32
C GLU A 381 5.24 11.74 28.89
N TYR A 382 4.05 11.17 28.73
CA TYR A 382 3.42 10.91 27.43
C TYR A 382 2.32 11.92 27.23
N THR A 383 2.37 12.68 26.14
CA THR A 383 1.36 13.70 25.83
C THR A 383 0.61 13.27 24.59
N VAL A 384 -0.71 13.36 24.65
CA VAL A 384 -1.60 13.01 23.53
C VAL A 384 -2.12 14.30 22.90
N TYR A 385 -2.17 14.33 21.57
CA TYR A 385 -2.67 15.46 20.80
C TYR A 385 -3.79 15.01 19.88
N GLU A 386 -4.71 15.92 19.59
CA GLU A 386 -5.75 15.68 18.57
C GLU A 386 -5.87 16.90 17.68
N GLY A 387 -6.13 16.67 16.39
CA GLY A 387 -6.49 17.79 15.51
C GLY A 387 -6.68 17.40 14.05
N LYS A 388 -6.68 18.40 13.19
CA LYS A 388 -6.97 18.25 11.76
C LYS A 388 -5.83 17.66 10.95
N ASN A 389 -4.61 17.80 11.46
CA ASN A 389 -3.41 17.22 10.85
C ASN A 389 -2.30 17.19 11.91
N VAL A 390 -1.16 16.59 11.58
CA VAL A 390 -0.11 16.45 12.60
C VAL A 390 0.39 17.81 13.12
N ARG A 391 0.50 18.80 12.24
CA ARG A 391 0.97 20.13 12.64
C ARG A 391 -0.07 20.81 13.53
N GLU A 392 -1.33 20.79 13.09
CA GLU A 392 -2.42 21.44 13.81
C GLU A 392 -3.09 20.39 14.71
N SER A 393 -2.30 19.81 15.63
CA SER A 393 -2.84 18.92 16.64
C SER A 393 -2.45 19.52 17.97
N TYR A 394 -3.38 19.47 18.93
CA TYR A 394 -3.27 20.21 20.18
C TYR A 394 -3.51 19.29 21.37
N LYS A 395 -2.96 19.68 22.53
CA LYS A 395 -2.94 18.80 23.68
C LYS A 395 -4.33 18.33 24.13
N GLU A 396 -4.46 17.02 24.19
CA GLU A 396 -5.65 16.29 24.61
C GLU A 396 -5.52 15.87 26.08
N GLY A 397 -4.31 15.48 26.48
CA GLY A 397 -4.04 15.09 27.87
C GLY A 397 -2.66 14.53 28.00
N SER A 398 -2.32 14.07 29.20
CA SER A 398 -1.01 13.48 29.42
C SER A 398 -0.99 12.56 30.63
N PHE A 399 -0.04 11.64 30.66
CA PHE A 399 0.22 10.79 31.82
C PHE A 399 1.72 10.53 31.93
N THR A 400 2.17 10.19 33.13
CA THR A 400 3.60 10.03 33.41
C THR A 400 3.87 8.66 34.02
N LEU A 401 4.87 7.98 33.46
CA LEU A 401 5.34 6.69 33.99
C LEU A 401 6.63 6.90 34.77
N GLU A 402 6.68 6.43 36.01
CA GLU A 402 7.92 6.45 36.80
C GLU A 402 8.92 5.36 36.41
N GLU A 403 8.46 4.28 35.78
CA GLU A 403 9.40 3.28 35.22
C GLU A 403 8.99 2.73 33.87
N ASN A 404 10.00 2.22 33.17
CA ASN A 404 9.82 1.66 31.83
C ASN A 404 8.80 0.53 31.89
N ILE A 405 7.96 0.43 30.86
CA ILE A 405 7.06 -0.71 30.67
C ILE A 405 7.49 -1.44 29.40
N VAL A 406 7.73 -2.74 29.49
CA VAL A 406 7.99 -3.57 28.31
C VAL A 406 6.65 -4.05 27.77
N THR A 407 6.30 -3.62 26.56
CA THR A 407 5.04 -4.03 25.93
C THR A 407 5.15 -5.41 25.27
N GLU A 408 6.32 -5.75 24.75
CA GLU A 408 6.54 -7.08 24.18
C GLU A 408 8.00 -7.45 24.13
N LYS A 409 8.31 -8.68 24.56
CA LYS A 409 9.67 -9.21 24.47
C LYS A 409 9.81 -9.97 23.16
N LEU A 410 10.81 -9.62 22.36
CA LEU A 410 11.02 -10.19 21.04
C LEU A 410 12.45 -10.75 20.97
N SER A 411 13.06 -10.83 19.79
CA SER A 411 14.42 -11.33 19.65
C SER A 411 15.22 -10.49 18.67
N LYS A 412 16.54 -10.71 18.66
CA LYS A 412 17.41 -10.08 17.68
C LYS A 412 17.17 -10.77 16.33
N ALA A 413 16.54 -10.07 15.41
CA ALA A 413 16.17 -10.66 14.13
C ALA A 413 16.24 -9.63 13.02
N LEU A 414 16.75 -10.07 11.87
CA LEU A 414 16.86 -9.25 10.68
C LEU A 414 17.76 -8.04 10.92
N ALA A 415 18.77 -8.22 11.78
CA ALA A 415 19.66 -7.13 12.16
C ALA A 415 20.66 -6.85 11.04
N PRO A 416 21.15 -5.60 10.93
CA PRO A 416 22.12 -5.30 9.88
C PRO A 416 23.45 -6.05 10.04
N MET A 417 24.04 -6.39 8.89
CA MET A 417 25.28 -7.15 8.83
C MET A 417 26.52 -6.27 8.69
N GLU A 418 26.31 -4.96 8.59
CA GLU A 418 27.38 -3.98 8.53
C GLU A 418 26.97 -2.73 9.28
N SER A 419 27.93 -2.01 9.84
CA SER A 419 27.62 -0.81 10.60
C SER A 419 27.45 0.39 9.66
N PHE A 420 26.59 1.30 10.08
CA PHE A 420 26.40 2.57 9.41
C PHE A 420 25.93 3.56 10.44
N LYS A 421 25.96 4.83 10.08
CA LYS A 421 25.54 5.90 10.98
C LYS A 421 24.08 6.26 10.74
N ARG A 422 23.30 6.30 11.81
CA ARG A 422 21.88 6.67 11.74
C ARG A 422 21.60 7.96 12.48
N MET A 423 20.51 8.62 12.08
CA MET A 423 20.03 9.79 12.78
C MET A 423 19.54 9.43 14.17
N LYS A 424 19.70 10.39 15.08
CA LYS A 424 19.37 10.24 16.49
C LYS A 424 18.93 11.60 17.00
N ALA A 425 17.77 11.67 17.65
CA ALA A 425 17.25 12.93 18.18
C ALA A 425 18.09 13.36 19.39
N SER A 426 18.41 14.66 19.44
CA SER A 426 19.24 15.24 20.49
C SER A 426 18.58 16.52 21.01
N GLU A 427 18.31 16.58 22.32
CA GLU A 427 17.63 17.73 22.93
C GLU A 427 18.55 18.94 23.11
N ASN A 428 18.04 20.13 22.84
CA ASN A 428 18.76 21.40 23.07
C ASN A 428 18.16 22.12 24.28
N SER A 429 18.89 23.12 24.78
CA SER A 429 18.47 23.92 25.95
C SER A 429 17.09 24.55 25.77
N ASP A 430 16.86 25.12 24.60
CA ASP A 430 15.57 25.78 24.28
C ASP A 430 14.38 24.83 24.06
N GLY A 431 14.59 23.52 24.22
CA GLY A 431 13.52 22.53 24.04
C GLY A 431 13.45 21.92 22.66
N THR A 432 14.20 22.48 21.70
CA THR A 432 14.21 21.97 20.33
C THR A 432 15.02 20.68 20.23
N LEU A 433 14.80 19.96 19.14
CA LEU A 433 15.50 18.72 18.86
C LEU A 433 16.35 18.92 17.63
N SER A 434 17.56 18.36 17.63
CA SER A 434 18.46 18.39 16.48
C SER A 434 18.94 16.99 16.13
N VAL A 435 19.34 16.81 14.88
CA VAL A 435 19.86 15.53 14.41
C VAL A 435 21.33 15.39 14.79
N LYS A 436 21.66 14.32 15.50
CA LYS A 436 23.03 13.83 15.59
C LYS A 436 23.06 12.43 15.01
N TYR A 437 24.27 11.90 14.81
CA TYR A 437 24.46 10.56 14.24
C TYR A 437 25.17 9.62 15.21
N GLU A 438 24.78 8.35 15.20
CA GLU A 438 25.36 7.31 16.04
C GLU A 438 25.53 6.03 15.20
N ASP A 439 26.47 5.18 15.61
CA ASP A 439 26.71 3.90 14.91
C ASP A 439 25.60 2.92 15.24
N VAL A 440 25.10 2.22 14.23
CA VAL A 440 24.13 1.14 14.43
C VAL A 440 24.91 -0.14 14.76
N PRO A 441 24.51 -0.86 15.83
CA PRO A 441 25.23 -2.10 16.12
C PRO A 441 25.00 -3.19 15.05
N VAL A 442 26.01 -4.04 14.88
CA VAL A 442 26.02 -5.07 13.86
C VAL A 442 25.49 -6.36 14.47
N SER A 443 24.81 -7.15 13.64
CA SER A 443 24.23 -8.42 14.05
C SER A 443 25.28 -9.33 14.67
N ASP A 444 24.95 -9.99 15.78
CA ASP A 444 25.77 -11.11 16.29
C ASP A 444 25.01 -12.45 16.29
N VAL A 445 23.97 -12.55 15.46
CA VAL A 445 23.13 -13.75 15.42
C VAL A 445 23.88 -14.90 14.73
N ASP A 446 23.87 -16.07 15.35
CA ASP A 446 24.39 -17.28 14.73
C ASP A 446 23.21 -17.93 13.99
N GLU A 447 23.11 -17.61 12.70
CA GLU A 447 21.95 -18.01 11.87
C GLU A 447 21.87 -19.52 11.67
N LYS A 448 23.03 -20.13 11.45
CA LYS A 448 23.15 -21.59 11.34
C LYS A 448 22.54 -22.28 12.56
N LYS A 449 22.94 -21.82 13.74
CA LYS A 449 22.46 -22.38 15.01
C LYS A 449 20.97 -22.12 15.23
N ARG A 450 20.50 -20.92 14.89
CA ARG A 450 19.09 -20.59 15.02
C ARG A 450 18.21 -21.56 14.21
N ARG A 451 18.62 -21.84 12.97
CA ARG A 451 17.88 -22.80 12.14
C ARG A 451 17.88 -24.20 12.76
N LEU A 452 19.05 -24.66 13.18
CA LEU A 452 19.18 -26.01 13.75
C LEU A 452 18.42 -26.20 15.06
N ASP A 453 18.49 -25.21 15.95
CA ASP A 453 17.79 -25.28 17.25
C ASP A 453 16.26 -25.19 17.16
N ASN A 454 15.75 -24.68 16.04
CA ASN A 454 14.30 -24.57 15.84
C ASN A 454 13.77 -25.47 14.70
N MET A 455 14.56 -26.48 14.33
CA MET A 455 14.20 -27.39 13.23
C MET A 455 12.88 -28.11 13.52
N PRO A 456 11.92 -28.09 12.57
CA PRO A 456 10.70 -28.89 12.79
C PRO A 456 10.98 -30.39 12.74
N VAL A 457 10.05 -31.17 13.28
CA VAL A 457 10.18 -32.62 13.38
C VAL A 457 9.61 -33.27 12.13
N GLU A 458 10.32 -34.27 11.62
CA GLU A 458 9.89 -34.98 10.42
C GLU A 458 8.68 -35.84 10.74
N ILE A 459 7.75 -35.87 9.80
CA ILE A 459 6.60 -36.76 9.86
C ILE A 459 6.95 -37.99 9.02
N PRO A 460 6.97 -39.20 9.64
CA PRO A 460 7.32 -40.39 8.84
C PRO A 460 6.31 -40.62 7.72
N GLN A 461 6.80 -40.82 6.49
CA GLN A 461 5.90 -40.99 5.34
C GLN A 461 5.20 -42.34 5.36
N ASP A 462 4.00 -42.35 4.78
CA ASP A 462 3.17 -43.54 4.70
C ASP A 462 2.35 -43.44 3.42
N PHE A 463 2.80 -44.13 2.37
CA PHE A 463 2.16 -44.03 1.06
C PHE A 463 0.88 -44.88 0.93
N THR A 464 0.61 -45.75 1.90
CA THR A 464 -0.63 -46.52 1.93
C THR A 464 -1.81 -45.70 2.47
N ALA A 465 -1.53 -44.63 3.22
CA ALA A 465 -2.55 -43.71 3.73
C ALA A 465 -3.37 -43.14 2.58
N ARG A 466 -4.69 -43.19 2.69
CA ARG A 466 -5.58 -42.70 1.65
C ARG A 466 -6.39 -41.51 2.12
N TYR A 467 -5.89 -40.79 3.12
CA TYR A 467 -6.59 -39.62 3.64
C TYR A 467 -6.60 -38.53 2.58
N SER A 468 -7.75 -37.86 2.48
CA SER A 468 -7.98 -36.75 1.58
C SER A 468 -7.80 -35.45 2.34
N LEU A 469 -7.47 -34.37 1.64
CA LEU A 469 -7.45 -33.05 2.27
C LEU A 469 -8.84 -32.70 2.85
N LYS A 470 -9.90 -33.23 2.26
CA LYS A 470 -11.26 -33.12 2.82
C LYS A 470 -11.37 -33.67 4.25
N ASP A 471 -10.62 -34.72 4.56
CA ASP A 471 -10.59 -35.32 5.90
C ASP A 471 -9.90 -34.44 6.92
N VAL A 472 -8.96 -33.61 6.48
CA VAL A 472 -8.33 -32.62 7.35
C VAL A 472 -9.31 -31.46 7.57
N LEU A 473 -9.90 -30.97 6.49
CA LEU A 473 -10.90 -29.88 6.57
C LEU A 473 -12.08 -30.22 7.50
N SER A 474 -12.55 -31.46 7.42
CA SER A 474 -13.67 -31.94 8.26
C SER A 474 -13.35 -32.11 9.75
N GLY A 475 -12.05 -32.13 10.11
CA GLY A 475 -11.61 -32.41 11.47
C GLY A 475 -11.36 -33.90 11.74
N SER A 476 -11.61 -34.74 10.75
CA SER A 476 -11.51 -36.20 10.89
C SER A 476 -10.08 -36.68 11.22
N VAL A 477 -9.08 -36.09 10.57
CA VAL A 477 -7.66 -36.39 10.87
C VAL A 477 -6.83 -35.11 10.96
N ASP A 478 -5.77 -35.15 11.77
CA ASP A 478 -4.81 -34.05 11.84
C ASP A 478 -4.11 -33.87 10.49
N MET A 479 -3.71 -32.63 10.20
CA MET A 479 -2.91 -32.33 9.00
C MET A 479 -1.64 -33.20 8.92
N GLU A 480 -1.02 -33.47 10.06
CA GLU A 480 0.19 -34.31 10.15
C GLU A 480 -0.04 -35.72 9.58
N LYS A 481 -1.19 -36.31 9.87
CA LYS A 481 -1.54 -37.64 9.36
C LYS A 481 -1.76 -37.64 7.85
N PHE A 482 -2.42 -36.60 7.36
CA PHE A 482 -2.61 -36.43 5.93
C PHE A 482 -1.29 -36.26 5.19
N ILE A 483 -0.45 -35.36 5.69
CA ILE A 483 0.76 -34.95 4.95
C ILE A 483 1.78 -36.09 4.82
N ALA A 484 1.71 -37.09 5.70
CA ALA A 484 2.53 -38.32 5.59
C ALA A 484 2.41 -39.02 4.24
N ARG A 485 1.28 -38.82 3.56
CA ARG A 485 1.04 -39.41 2.24
C ARG A 485 1.91 -38.84 1.12
N LEU A 486 2.40 -37.60 1.28
CA LEU A 486 3.18 -36.96 0.21
C LEU A 486 4.59 -37.56 0.06
N SER A 487 4.88 -38.03 -1.16
CA SER A 487 6.19 -38.51 -1.54
C SER A 487 7.18 -37.35 -1.65
N ASP A 488 8.45 -37.68 -1.83
CA ASP A 488 9.46 -36.64 -2.04
C ASP A 488 9.21 -35.86 -3.33
N ASP A 489 8.76 -36.53 -4.38
CA ASP A 489 8.30 -35.85 -5.60
C ASP A 489 7.14 -34.88 -5.32
N ASP A 490 6.13 -35.34 -4.58
CA ASP A 490 4.96 -34.49 -4.22
C ASP A 490 5.40 -33.26 -3.41
N LEU A 491 6.32 -33.47 -2.46
CA LEU A 491 6.84 -32.38 -1.64
C LEU A 491 7.59 -31.35 -2.47
N ALA A 492 8.45 -31.81 -3.37
CA ALA A 492 9.18 -30.92 -4.25
C ALA A 492 8.25 -30.19 -5.22
N CYS A 493 7.16 -30.85 -5.63
CA CYS A 493 6.19 -30.25 -6.55
C CYS A 493 5.31 -29.17 -5.90
N ILE A 494 4.85 -29.42 -4.67
CA ILE A 494 3.85 -28.55 -4.04
C ILE A 494 4.38 -27.16 -3.69
N VAL A 495 5.69 -27.04 -3.47
CA VAL A 495 6.33 -25.73 -3.24
C VAL A 495 6.57 -24.90 -4.53
N ARG A 496 6.15 -25.40 -5.69
CA ARG A 496 6.24 -24.70 -6.97
C ARG A 496 4.89 -24.16 -7.41
N GLY A 497 4.79 -22.84 -7.58
CA GLY A 497 3.66 -22.25 -8.29
C GLY A 497 3.83 -22.46 -9.78
N GLU A 498 2.71 -22.59 -10.51
CA GLU A 498 2.75 -22.75 -11.96
C GLU A 498 2.14 -21.52 -12.63
N GLY A 499 2.83 -21.00 -13.65
CA GLY A 499 2.36 -19.82 -14.37
C GLY A 499 3.45 -19.16 -15.21
N MET A 500 3.20 -17.98 -15.78
CA MET A 500 1.88 -17.32 -15.75
C MET A 500 0.94 -18.00 -16.74
N GLY A 501 -0.36 -17.92 -16.45
CA GLY A 501 -1.38 -18.47 -17.34
C GLY A 501 -1.41 -19.99 -17.34
N SER A 502 -1.25 -20.59 -16.17
CA SER A 502 -1.38 -22.03 -16.03
C SER A 502 -2.76 -22.48 -16.53
N SER A 503 -2.80 -23.63 -17.20
CA SER A 503 -4.08 -24.17 -17.68
C SER A 503 -4.95 -24.73 -16.55
N LEU A 504 -4.39 -24.87 -15.35
CA LEU A 504 -5.11 -25.42 -14.20
C LEU A 504 -6.15 -24.46 -13.60
N VAL A 505 -6.05 -23.17 -13.92
CA VAL A 505 -6.89 -22.12 -13.35
C VAL A 505 -7.35 -21.17 -14.45
N THR A 506 -8.24 -20.25 -14.08
CA THR A 506 -8.77 -19.25 -15.01
C THR A 506 -7.65 -18.67 -15.89
N ALA A 507 -7.89 -18.69 -17.20
CA ALA A 507 -6.91 -18.22 -18.18
C ALA A 507 -6.47 -16.77 -17.93
N GLY A 508 -5.18 -16.52 -18.19
CA GLY A 508 -4.62 -15.18 -18.13
C GLY A 508 -4.39 -14.64 -16.74
N THR A 509 -4.27 -15.52 -15.74
CA THR A 509 -3.99 -15.12 -14.36
C THR A 509 -2.51 -15.34 -14.04
N ALA A 510 -2.11 -15.09 -12.80
CA ALA A 510 -0.69 -15.06 -12.42
C ALA A 510 -0.12 -16.43 -12.06
N ALA A 511 -0.90 -17.26 -11.35
CA ALA A 511 -0.41 -18.56 -10.92
C ALA A 511 -1.51 -19.52 -10.49
N ALA A 512 -1.20 -20.80 -10.61
CA ALA A 512 -1.89 -21.87 -9.90
C ALA A 512 -0.94 -22.43 -8.83
N PHE A 513 -1.45 -22.76 -7.64
CA PHE A 513 -0.66 -23.47 -6.63
C PHE A 513 -1.47 -24.51 -5.88
N GLY A 514 -0.76 -25.39 -5.17
CA GLY A 514 -1.38 -26.47 -4.42
C GLY A 514 -1.51 -27.71 -5.30
N GLY A 515 -2.61 -27.81 -6.01
CA GLY A 515 -2.93 -28.96 -6.85
C GLY A 515 -2.27 -28.89 -8.22
N VAL A 516 -0.94 -28.92 -8.21
CA VAL A 516 -0.15 -28.65 -9.41
C VAL A 516 0.43 -29.93 -10.05
N SER A 517 0.03 -31.09 -9.54
CA SER A 517 0.26 -32.36 -10.22
C SER A 517 -0.99 -33.22 -10.13
N GLU A 518 -1.04 -34.25 -10.97
CA GLU A 518 -2.12 -35.22 -10.93
C GLU A 518 -2.18 -35.91 -9.55
N TYR A 519 -1.02 -36.18 -8.97
CA TYR A 519 -0.94 -36.90 -7.70
C TYR A 519 -1.42 -36.05 -6.54
N LEU A 520 -1.07 -34.76 -6.56
CA LEU A 520 -1.55 -33.82 -5.54
C LEU A 520 -3.05 -33.58 -5.68
N ARG A 521 -3.54 -33.43 -6.91
CA ARG A 521 -4.98 -33.25 -7.13
C ARG A 521 -5.79 -34.50 -6.71
N LYS A 522 -5.22 -35.69 -6.89
CA LYS A 522 -5.84 -36.95 -6.40
C LYS A 522 -6.03 -37.02 -4.89
N MET A 523 -5.25 -36.23 -4.14
CA MET A 523 -5.44 -36.07 -2.70
C MET A 523 -6.45 -34.97 -2.32
N ASP A 524 -7.19 -34.44 -3.31
CA ASP A 524 -8.14 -33.33 -3.14
C ASP A 524 -7.49 -32.02 -2.70
N ILE A 525 -6.25 -31.81 -3.14
CA ILE A 525 -5.59 -30.52 -3.05
C ILE A 525 -6.01 -29.76 -4.31
N PRO A 526 -6.75 -28.65 -4.16
CA PRO A 526 -7.20 -27.91 -5.33
C PRO A 526 -6.10 -27.04 -5.93
N ALA A 527 -6.22 -26.75 -7.22
CA ALA A 527 -5.41 -25.72 -7.86
C ALA A 527 -5.99 -24.36 -7.47
N VAL A 528 -5.24 -23.60 -6.67
CA VAL A 528 -5.65 -22.28 -6.21
C VAL A 528 -5.08 -21.21 -7.14
N CYS A 529 -5.93 -20.24 -7.51
CA CYS A 529 -5.62 -19.23 -8.51
C CYS A 529 -5.20 -17.88 -7.89
N CYS A 530 -4.05 -17.37 -8.31
CA CYS A 530 -3.52 -16.05 -7.95
C CYS A 530 -3.62 -15.10 -9.12
N ASP A 531 -3.90 -13.84 -8.85
CA ASP A 531 -4.00 -12.83 -9.90
C ASP A 531 -3.68 -11.43 -9.38
N ASP A 532 -2.91 -10.64 -10.13
CA ASP A 532 -2.83 -9.19 -9.89
C ASP A 532 -4.23 -8.60 -10.07
N GLY A 533 -4.56 -7.47 -9.45
CA GLY A 533 -3.69 -6.74 -8.52
C GLY A 533 -4.53 -5.89 -7.59
N PRO A 534 -3.88 -5.00 -6.81
CA PRO A 534 -4.59 -4.17 -5.84
C PRO A 534 -5.77 -3.38 -6.40
N SER A 535 -5.64 -2.91 -7.64
CA SER A 535 -6.65 -2.07 -8.27
C SER A 535 -7.66 -2.81 -9.16
N GLY A 536 -7.65 -4.15 -9.13
CA GLY A 536 -8.57 -4.96 -9.92
C GLY A 536 -7.88 -6.12 -10.61
N MET A 537 -8.69 -7.06 -11.09
CA MET A 537 -8.18 -8.27 -11.71
C MET A 537 -7.58 -8.03 -13.09
N ARG A 538 -6.32 -8.41 -13.21
CA ARG A 538 -5.58 -8.39 -14.46
C ARG A 538 -5.80 -9.72 -15.14
N LEU A 539 -6.52 -9.71 -16.24
CA LEU A 539 -6.81 -10.95 -16.97
C LEU A 539 -6.20 -10.85 -18.35
N ASP A 540 -5.05 -11.52 -18.54
CA ASP A 540 -4.26 -11.41 -19.78
C ASP A 540 -4.91 -12.09 -20.97
N SER A 541 -6.02 -12.77 -20.73
CA SER A 541 -6.92 -13.22 -21.78
C SER A 541 -7.62 -12.08 -22.54
N GLY A 542 -7.57 -10.85 -22.01
CA GLY A 542 -8.34 -9.73 -22.52
C GLY A 542 -9.68 -9.54 -21.82
N ALA A 543 -10.05 -10.45 -20.92
CA ALA A 543 -11.34 -10.37 -20.24
C ALA A 543 -11.38 -9.14 -19.35
N THR A 544 -12.54 -8.51 -19.26
CA THR A 544 -12.68 -7.27 -18.50
C THR A 544 -12.99 -7.53 -17.04
N ALA A 545 -12.61 -6.58 -16.19
CA ALA A 545 -12.90 -6.61 -14.76
C ALA A 545 -12.99 -5.17 -14.25
N PHE A 546 -13.34 -5.02 -12.99
CA PHE A 546 -13.54 -3.69 -12.41
C PHE A 546 -12.18 -3.05 -12.08
N SER A 547 -11.93 -1.87 -12.65
CA SER A 547 -10.71 -1.11 -12.37
C SER A 547 -11.03 -0.08 -11.28
N MET A 548 -10.41 -0.27 -10.12
CA MET A 548 -10.69 0.51 -8.92
C MET A 548 -9.60 1.60 -8.72
N PRO A 549 -9.83 2.57 -7.82
CA PRO A 549 -8.81 3.61 -7.58
C PRO A 549 -7.47 3.09 -7.08
N ASN A 550 -6.41 3.89 -7.28
CA ASN A 550 -5.07 3.47 -6.88
C ASN A 550 -4.94 3.48 -5.37
N GLY A 551 -3.91 2.82 -4.86
CA GLY A 551 -3.69 2.64 -3.43
C GLY A 551 -3.61 3.93 -2.64
N THR A 552 -2.94 4.93 -3.19
CA THR A 552 -2.77 6.20 -2.46
C THR A 552 -4.09 6.94 -2.31
N MET A 553 -4.95 6.85 -3.33
CA MET A 553 -6.30 7.39 -3.23
C MET A 553 -7.11 6.68 -2.13
N LEU A 554 -7.02 5.35 -2.06
CA LEU A 554 -7.71 4.60 -1.01
C LEU A 554 -7.31 5.09 0.36
N ALA A 555 -6.00 5.19 0.59
CA ALA A 555 -5.47 5.59 1.90
C ALA A 555 -5.82 7.05 2.23
N SER A 556 -5.86 7.91 1.21
CA SER A 556 -6.25 9.32 1.39
C SER A 556 -7.68 9.54 1.90
N THR A 557 -8.55 8.53 1.77
CA THR A 557 -9.88 8.60 2.36
C THR A 557 -9.87 8.70 3.87
N PHE A 558 -8.84 8.14 4.52
CA PHE A 558 -8.83 7.97 5.97
C PHE A 558 -10.13 7.30 6.46
N ASN A 559 -10.65 6.36 5.68
CA ASN A 559 -11.97 5.78 5.92
C ASN A 559 -11.95 4.28 5.61
N PRO A 560 -11.49 3.47 6.59
CA PRO A 560 -11.47 2.02 6.40
C PRO A 560 -12.82 1.43 5.98
N ASP A 561 -13.93 1.99 6.45
CA ASP A 561 -15.25 1.45 6.12
C ASP A 561 -15.62 1.56 4.63
N VAL A 562 -15.34 2.70 4.00
CA VAL A 562 -15.65 2.86 2.57
C VAL A 562 -14.75 1.95 1.70
N ILE A 563 -13.52 1.72 2.15
CA ILE A 563 -12.57 0.82 1.48
C ILE A 563 -13.08 -0.61 1.60
N GLU A 564 -13.44 -1.02 2.82
CA GLU A 564 -13.94 -2.36 3.08
C GLU A 564 -15.18 -2.65 2.25
N ARG A 565 -16.10 -1.69 2.19
CA ARG A 565 -17.31 -1.84 1.39
C ARG A 565 -16.99 -2.12 -0.08
N MET A 566 -16.09 -1.35 -0.68
CA MET A 566 -15.74 -1.55 -2.10
C MET A 566 -15.15 -2.94 -2.34
N TYR A 567 -14.18 -3.33 -1.51
CA TYR A 567 -13.55 -4.65 -1.68
C TYR A 567 -14.47 -5.84 -1.36
N GLY A 568 -15.57 -5.60 -0.65
CA GLY A 568 -16.64 -6.60 -0.51
C GLY A 568 -17.27 -7.01 -1.84
N PHE A 569 -17.39 -6.06 -2.76
CA PHE A 569 -17.81 -6.38 -4.13
C PHE A 569 -16.74 -7.15 -4.90
N THR A 570 -15.50 -6.70 -4.76
CA THR A 570 -14.35 -7.40 -5.34
C THR A 570 -14.30 -8.85 -4.88
N SER A 571 -14.63 -9.09 -3.60
CA SER A 571 -14.75 -10.45 -3.06
C SER A 571 -15.65 -11.35 -3.90
N LEU A 572 -16.80 -10.83 -4.30
CA LEU A 572 -17.74 -11.57 -5.17
C LEU A 572 -17.26 -11.67 -6.61
N GLU A 573 -16.67 -10.58 -7.11
CA GLU A 573 -16.13 -10.57 -8.48
C GLU A 573 -15.03 -11.60 -8.68
N MET A 574 -14.21 -11.77 -7.65
CA MET A 574 -13.14 -12.78 -7.67
C MET A 574 -13.73 -14.19 -7.77
N ILE A 575 -14.72 -14.47 -6.94
CA ILE A 575 -15.43 -15.75 -6.96
C ILE A 575 -16.02 -16.01 -8.36
N TYR A 576 -16.64 -14.98 -8.95
CA TYR A 576 -17.18 -15.08 -10.31
C TYR A 576 -16.12 -15.52 -11.33
N ASN A 577 -14.90 -15.01 -11.19
CA ASN A 577 -13.77 -15.34 -12.08
C ASN A 577 -12.92 -16.52 -11.60
N LYS A 578 -13.31 -17.16 -10.49
CA LYS A 578 -12.56 -18.22 -9.84
C LYS A 578 -11.09 -17.85 -9.60
N VAL A 579 -10.92 -16.68 -8.99
CA VAL A 579 -9.64 -16.20 -8.52
C VAL A 579 -9.73 -16.20 -6.99
N GLU A 580 -8.84 -16.93 -6.33
CA GLU A 580 -8.86 -17.04 -4.86
C GLU A 580 -7.96 -16.01 -4.17
N CYS A 581 -6.85 -15.66 -4.81
CA CYS A 581 -5.84 -14.77 -4.19
C CYS A 581 -5.55 -13.57 -5.06
N LEU A 582 -6.02 -12.39 -4.65
CA LEU A 582 -5.68 -11.14 -5.31
C LEU A 582 -4.32 -10.68 -4.78
N LEU A 583 -3.40 -10.32 -5.68
CA LEU A 583 -2.03 -9.97 -5.28
C LEU A 583 -1.93 -8.53 -4.81
N GLY A 584 -2.54 -8.29 -3.65
CA GLY A 584 -2.51 -7.01 -2.94
C GLY A 584 -3.17 -7.24 -1.58
N PRO A 585 -3.05 -6.31 -0.62
CA PRO A 585 -2.53 -4.96 -0.81
C PRO A 585 -1.02 -4.83 -0.99
N GLY A 586 -0.60 -3.98 -1.92
CA GLY A 586 0.75 -3.42 -1.93
C GLY A 586 0.82 -2.43 -0.78
N MET A 587 1.83 -2.56 0.05
CA MET A 587 1.86 -1.77 1.29
C MET A 587 3.27 -1.47 1.81
N ASN A 588 4.21 -1.30 0.89
CA ASN A 588 5.54 -0.80 1.26
C ASN A 588 5.42 0.65 1.64
N ILE A 589 6.17 1.04 2.66
CA ILE A 589 6.19 2.42 3.15
C ILE A 589 6.64 3.40 2.04
N HIS A 590 6.03 4.59 2.02
CA HIS A 590 6.49 5.69 1.18
C HIS A 590 7.72 6.31 1.86
N ARG A 591 8.88 5.71 1.63
CA ARG A 591 10.16 6.20 2.21
C ARG A 591 10.62 7.48 1.53
N ASN A 592 10.43 7.56 0.20
CA ASN A 592 10.85 8.72 -0.57
C ASN A 592 9.80 9.06 -1.63
N PRO A 593 9.56 10.37 -1.90
CA PRO A 593 8.56 10.72 -2.92
C PRO A 593 8.87 10.26 -4.35
N LEU A 594 10.12 9.96 -4.67
CA LEU A 594 10.50 9.61 -6.05
C LEU A 594 10.32 8.12 -6.40
N ASN A 595 9.95 7.27 -5.44
CA ASN A 595 9.72 5.85 -5.72
C ASN A 595 8.59 5.61 -6.74
N GLY A 596 8.90 4.85 -7.78
CA GLY A 596 7.97 4.65 -8.90
C GLY A 596 6.64 4.01 -8.55
N ARG A 597 6.63 3.10 -7.58
CA ARG A 597 5.40 2.35 -7.23
C ARG A 597 4.62 2.92 -6.06
N ASN A 598 4.94 4.14 -5.60
CA ASN A 598 4.17 4.75 -4.50
C ASN A 598 2.67 4.77 -4.75
N PHE A 599 2.27 4.96 -6.02
CA PHE A 599 0.86 4.96 -6.41
C PHE A 599 0.05 3.76 -5.91
N GLU A 600 0.63 2.57 -5.86
CA GLU A 600 -0.15 1.42 -5.39
C GLU A 600 0.07 1.07 -3.94
N TYR A 601 0.88 1.84 -3.24
CA TYR A 601 1.02 1.74 -1.79
C TYR A 601 0.20 2.85 -1.11
N PHE A 602 0.35 3.01 0.22
CA PHE A 602 -0.60 3.82 1.00
C PHE A 602 -0.04 5.09 1.63
N SER A 603 1.09 4.98 2.33
CA SER A 603 1.50 6.05 3.25
C SER A 603 2.95 5.96 3.73
N GLU A 604 3.47 7.09 4.21
CA GLU A 604 4.73 7.14 4.95
C GLU A 604 4.57 6.65 6.40
N ASP A 605 3.32 6.53 6.86
CA ASP A 605 3.01 6.14 8.24
C ASP A 605 2.60 4.70 8.39
N PRO A 606 3.24 3.94 9.32
CA PRO A 606 2.92 2.52 9.45
C PRO A 606 1.51 2.21 9.98
N TYR A 607 0.99 3.03 10.88
CA TYR A 607 -0.35 2.77 11.42
C TYR A 607 -1.41 2.95 10.33
N LEU A 608 -1.36 4.05 9.60
CA LEU A 608 -2.28 4.27 8.49
C LEU A 608 -2.11 3.16 7.47
N ASN A 609 -0.85 2.85 7.15
CA ASN A 609 -0.51 1.78 6.20
C ASN A 609 -1.20 0.46 6.55
N GLY A 610 -0.99 -0.02 7.77
CA GLY A 610 -1.61 -1.26 8.21
C GLY A 610 -3.12 -1.25 8.31
N THR A 611 -3.67 -0.10 8.70
CA THR A 611 -5.10 0.06 8.87
C THR A 611 -5.85 0.04 7.53
N ILE A 612 -5.25 0.68 6.52
CA ILE A 612 -5.82 0.67 5.16
C ILE A 612 -5.68 -0.71 4.53
N ALA A 613 -4.51 -1.32 4.67
CA ALA A 613 -4.30 -2.71 4.21
C ALA A 613 -5.34 -3.67 4.81
N SER A 614 -5.57 -3.53 6.11
CA SER A 614 -6.52 -4.36 6.83
C SER A 614 -7.95 -4.19 6.34
N ALA A 615 -8.33 -2.96 6.03
CA ALA A 615 -9.65 -2.68 5.47
C ALA A 615 -9.85 -3.40 4.13
N MET A 616 -8.84 -3.34 3.28
CA MET A 616 -8.90 -4.05 1.99
C MET A 616 -9.07 -5.56 2.20
N LEU A 617 -8.25 -6.12 3.09
CA LEU A 617 -8.33 -7.55 3.40
C LEU A 617 -9.69 -7.95 3.97
N LYS A 618 -10.23 -7.13 4.89
CA LYS A 618 -11.56 -7.39 5.45
C LYS A 618 -12.64 -7.45 4.36
N GLY A 619 -12.54 -6.54 3.39
CA GLY A 619 -13.45 -6.52 2.24
C GLY A 619 -13.34 -7.79 1.42
N LEU A 620 -12.12 -8.16 1.05
CA LEU A 620 -11.86 -9.39 0.31
C LEU A 620 -12.36 -10.63 1.04
N HIS A 621 -12.22 -10.65 2.37
CA HIS A 621 -12.69 -11.79 3.17
C HIS A 621 -14.21 -11.94 3.27
N LYS A 622 -14.98 -10.91 2.94
CA LYS A 622 -16.43 -10.92 3.12
C LYS A 622 -17.09 -12.21 2.63
N TYR A 623 -16.79 -12.63 1.40
CA TYR A 623 -17.35 -13.85 0.83
C TYR A 623 -16.33 -14.99 0.69
N GLY A 624 -15.21 -14.90 1.40
CA GLY A 624 -14.22 -15.96 1.45
C GLY A 624 -13.13 -15.90 0.38
N SER A 625 -12.95 -14.74 -0.26
CA SER A 625 -11.78 -14.52 -1.13
C SER A 625 -10.63 -14.00 -0.27
N ASP A 626 -9.48 -13.69 -0.87
CA ASP A 626 -8.32 -13.28 -0.08
C ASP A 626 -7.35 -12.41 -0.85
N GLY A 627 -6.53 -11.69 -0.10
CA GLY A 627 -5.44 -10.88 -0.64
C GLY A 627 -4.11 -11.43 -0.19
N VAL A 628 -3.05 -10.93 -0.81
CA VAL A 628 -1.68 -11.27 -0.49
C VAL A 628 -0.95 -9.96 -0.22
N ALA A 629 -0.53 -9.76 1.03
CA ALA A 629 0.24 -8.57 1.40
C ALA A 629 1.61 -8.60 0.74
N LYS A 630 2.03 -7.49 0.15
CA LYS A 630 3.31 -7.40 -0.56
C LYS A 630 3.92 -5.99 -0.43
N HIS A 631 5.23 -5.80 -0.62
CA HIS A 631 6.26 -6.84 -0.82
C HIS A 631 7.07 -6.88 0.47
N PHE A 632 7.11 -8.04 1.11
CA PHE A 632 7.64 -8.19 2.47
C PHE A 632 9.16 -8.42 2.42
N CYS A 633 10.01 -7.48 2.84
CA CYS A 633 9.69 -6.10 3.25
C CYS A 633 10.75 -5.14 2.67
N CYS A 634 10.56 -3.83 2.87
CA CYS A 634 11.54 -2.81 2.45
C CYS A 634 11.85 -2.74 0.94
N ASN A 635 10.82 -2.92 0.12
CA ASN A 635 10.90 -2.64 -1.31
C ASN A 635 10.39 -1.21 -1.53
N ASN A 636 11.25 -0.24 -1.20
CA ASN A 636 10.88 1.19 -1.21
C ASN A 636 11.52 1.95 -2.37
N GLN A 637 12.14 1.22 -3.30
CA GLN A 637 12.82 1.80 -4.49
C GLN A 637 12.72 0.83 -5.66
N GLU A 638 12.40 1.34 -6.84
CA GLU A 638 12.30 0.49 -8.04
C GLU A 638 13.64 0.28 -8.78
N LEU A 639 14.50 1.29 -8.81
CA LEU A 639 15.78 1.17 -9.52
C LEU A 639 16.64 0.10 -8.85
N GLY A 640 17.13 -0.84 -9.63
CA GLY A 640 17.98 -1.93 -9.14
C GLY A 640 17.29 -2.97 -8.28
N ARG A 641 15.97 -3.09 -8.42
CA ARG A 641 15.18 -3.92 -7.48
C ARG A 641 15.46 -5.43 -7.50
N GLN A 642 16.11 -5.93 -8.55
CA GLN A 642 16.53 -7.33 -8.58
C GLN A 642 17.77 -7.62 -7.71
N ALA A 643 18.49 -6.57 -7.33
CA ALA A 643 19.80 -6.71 -6.68
C ALA A 643 20.03 -5.81 -5.45
N CYS A 644 19.37 -4.65 -5.39
CA CYS A 644 19.66 -3.64 -4.38
C CYS A 644 19.54 -4.15 -2.95
N ASP A 645 20.45 -3.71 -2.09
CA ASP A 645 20.46 -4.10 -0.68
C ASP A 645 20.02 -2.94 0.20
N SER A 646 18.91 -3.12 0.90
CA SER A 646 18.42 -2.15 1.88
C SER A 646 19.06 -2.49 3.23
N VAL A 647 19.89 -1.59 3.74
CA VAL A 647 20.61 -1.77 5.00
C VAL A 647 19.89 -0.91 6.04
N VAL A 648 19.29 -1.56 7.02
CA VAL A 648 18.31 -0.89 7.89
C VAL A 648 18.40 -1.47 9.31
N SER A 649 18.20 -0.63 10.32
CA SER A 649 18.29 -1.07 11.70
C SER A 649 17.08 -1.90 12.10
N GLN A 650 17.25 -2.70 13.15
CA GLN A 650 16.13 -3.44 13.72
C GLN A 650 15.02 -2.50 14.19
N ARG A 651 15.39 -1.37 14.81
CA ARG A 651 14.37 -0.45 15.31
C ARG A 651 13.50 0.09 14.17
N ALA A 652 14.15 0.51 13.08
CA ALA A 652 13.41 1.03 11.92
C ALA A 652 12.54 -0.04 11.29
N LEU A 653 13.06 -1.27 11.17
CA LEU A 653 12.25 -2.40 10.71
C LEU A 653 11.03 -2.63 11.61
N ARG A 654 11.26 -2.72 12.91
CA ARG A 654 10.20 -3.06 13.86
C ARG A 654 9.11 -1.99 13.98
N GLU A 655 9.51 -0.71 14.00
CA GLU A 655 8.58 0.40 14.21
C GLU A 655 7.93 0.91 12.91
N ILE A 656 8.66 0.85 11.79
CA ILE A 656 8.22 1.47 10.53
C ILE A 656 7.87 0.43 9.45
N TYR A 657 8.86 -0.33 8.99
CA TYR A 657 8.68 -1.13 7.77
C TYR A 657 7.91 -2.43 7.95
N LEU A 658 8.18 -3.14 9.05
CA LEU A 658 7.44 -4.36 9.36
C LEU A 658 6.08 -4.07 9.97
N LYS A 659 5.92 -2.90 10.58
CA LYS A 659 4.77 -2.63 11.45
C LYS A 659 3.42 -2.73 10.73
N GLY A 660 3.34 -2.16 9.52
CA GLY A 660 2.13 -2.29 8.72
C GLY A 660 1.76 -3.73 8.42
N PHE A 661 2.76 -4.53 8.06
CA PHE A 661 2.56 -5.96 7.82
C PHE A 661 2.08 -6.68 9.10
N GLU A 662 2.63 -6.29 10.26
CA GLU A 662 2.20 -6.85 11.54
C GLU A 662 0.69 -6.59 11.77
N ILE A 663 0.27 -5.36 11.51
CA ILE A 663 -1.13 -4.96 11.63
C ILE A 663 -2.01 -5.76 10.64
N ALA A 664 -1.54 -5.93 9.42
CA ALA A 664 -2.28 -6.75 8.44
C ALA A 664 -2.53 -8.15 8.96
N VAL A 665 -1.57 -8.73 9.67
CA VAL A 665 -1.71 -10.04 10.25
C VAL A 665 -2.72 -10.01 11.40
N LYS A 666 -2.49 -9.11 12.35
CA LYS A 666 -3.20 -9.13 13.64
C LYS A 666 -4.59 -8.49 13.58
N GLU A 667 -4.75 -7.42 12.79
CA GLU A 667 -6.04 -6.74 12.58
C GLU A 667 -6.74 -7.20 11.28
N GLY A 668 -5.99 -7.34 10.20
CA GLY A 668 -6.54 -7.68 8.91
C GLY A 668 -6.80 -9.15 8.68
N GLY A 669 -6.26 -10.01 9.55
CA GLY A 669 -6.38 -11.44 9.38
C GLY A 669 -5.67 -11.94 8.13
N CYS A 670 -4.56 -11.29 7.78
CA CYS A 670 -3.79 -11.67 6.58
C CYS A 670 -3.25 -13.09 6.70
N LYS A 671 -3.44 -13.89 5.66
CA LYS A 671 -2.99 -15.28 5.63
C LYS A 671 -2.11 -15.60 4.42
N ALA A 672 -1.67 -14.58 3.70
CA ALA A 672 -0.80 -14.77 2.53
C ALA A 672 0.11 -13.54 2.34
N PHE A 673 1.42 -13.80 2.24
CA PHE A 673 2.44 -12.77 2.09
C PHE A 673 3.26 -13.03 0.83
N MET A 674 3.76 -11.97 0.22
CA MET A 674 4.70 -12.08 -0.90
C MET A 674 5.98 -11.35 -0.50
N THR A 675 7.12 -12.01 -0.73
CA THR A 675 8.44 -11.40 -0.50
C THR A 675 8.88 -10.54 -1.70
N THR A 676 10.15 -10.14 -1.77
CA THR A 676 10.59 -9.11 -2.72
C THR A 676 11.62 -9.63 -3.68
N TYR A 677 11.89 -8.82 -4.70
CA TYR A 677 12.97 -9.09 -5.65
C TYR A 677 14.38 -8.78 -5.12
N ALA A 678 14.48 -8.11 -3.98
CA ALA A 678 15.71 -7.44 -3.57
C ALA A 678 16.23 -7.98 -2.25
N GLN A 679 17.29 -7.36 -1.75
CA GLN A 679 17.94 -7.80 -0.51
C GLN A 679 17.61 -6.86 0.65
N VAL A 680 17.43 -7.43 1.83
CA VAL A 680 17.32 -6.65 3.06
C VAL A 680 18.40 -7.16 4.01
N ASN A 681 19.30 -6.25 4.40
CA ASN A 681 20.44 -6.57 5.26
C ASN A 681 21.29 -7.76 4.78
N GLY A 682 21.60 -7.73 3.49
CA GLY A 682 22.69 -8.52 2.93
C GLY A 682 22.39 -9.89 2.34
N MET A 683 21.11 -10.23 2.19
CA MET A 683 20.71 -11.40 1.41
C MET A 683 19.31 -11.19 0.86
N TRP A 684 18.93 -12.00 -0.12
CA TRP A 684 17.61 -11.87 -0.74
C TRP A 684 16.52 -12.26 0.25
N THR A 685 15.37 -11.59 0.15
CA THR A 685 14.28 -11.78 1.11
C THR A 685 13.61 -13.15 1.05
N ALA A 686 13.56 -13.77 -0.13
CA ALA A 686 12.90 -15.07 -0.31
C ALA A 686 13.53 -16.20 0.52
N GLY A 687 14.82 -16.08 0.83
CA GLY A 687 15.52 -17.08 1.64
C GLY A 687 15.87 -16.61 3.04
N ASN A 688 15.23 -15.54 3.51
CA ASN A 688 15.54 -14.99 4.83
C ASN A 688 14.71 -15.64 5.93
N TYR A 689 15.38 -16.43 6.77
CA TYR A 689 14.76 -17.13 7.89
C TYR A 689 14.16 -16.18 8.93
N ASP A 690 14.90 -15.14 9.30
CA ASP A 690 14.40 -14.20 10.31
C ASP A 690 13.10 -13.50 9.89
N LEU A 691 13.01 -13.14 8.62
CA LEU A 691 11.83 -12.50 8.05
C LEU A 691 10.63 -13.44 8.01
N ASN A 692 10.81 -14.61 7.41
CA ASN A 692 9.70 -15.50 7.06
C ASN A 692 9.34 -16.53 8.14
N THR A 693 10.27 -16.84 9.05
CA THR A 693 10.02 -17.75 10.16
C THR A 693 10.01 -17.01 11.49
N ARG A 694 11.12 -16.39 11.89
CA ARG A 694 11.24 -15.88 13.26
C ARG A 694 10.20 -14.78 13.53
N ILE A 695 10.20 -13.77 12.68
CA ILE A 695 9.30 -12.63 12.86
C ILE A 695 7.87 -13.00 12.49
N LEU A 696 7.66 -13.42 11.24
CA LEU A 696 6.31 -13.60 10.72
C LEU A 696 5.52 -14.65 11.49
N ARG A 697 6.11 -15.84 11.70
CA ARG A 697 5.42 -16.95 12.35
C ARG A 697 5.63 -17.01 13.85
N ASP A 698 6.89 -17.10 14.27
CA ASP A 698 7.16 -17.40 15.69
C ASP A 698 6.91 -16.22 16.61
N GLU A 699 6.97 -14.99 16.09
CA GLU A 699 6.66 -13.80 16.90
C GLU A 699 5.24 -13.28 16.67
N TRP A 700 4.85 -13.03 15.42
CA TRP A 700 3.52 -12.47 15.15
C TRP A 700 2.39 -13.50 15.14
N GLY A 701 2.71 -14.78 15.00
CA GLY A 701 1.69 -15.83 15.00
C GLY A 701 0.92 -16.00 13.70
N PHE A 702 1.47 -15.48 12.59
CA PHE A 702 0.90 -15.68 11.25
C PHE A 702 0.69 -17.17 10.99
N LYS A 703 -0.48 -17.52 10.45
CA LYS A 703 -0.79 -18.89 10.01
C LYS A 703 -1.23 -18.76 8.56
N GLY A 704 -0.34 -19.13 7.65
CA GLY A 704 -0.62 -18.93 6.24
C GLY A 704 0.55 -19.29 5.37
N ILE A 705 0.56 -18.71 4.17
CA ILE A 705 1.55 -19.00 3.16
C ILE A 705 2.40 -17.78 2.84
N VAL A 706 3.65 -18.02 2.47
CA VAL A 706 4.52 -17.00 1.92
C VAL A 706 4.92 -17.46 0.51
N MET A 707 4.84 -16.54 -0.45
CA MET A 707 5.25 -16.78 -1.84
C MET A 707 6.31 -15.78 -2.29
N THR A 708 7.14 -16.18 -3.25
CA THR A 708 8.09 -15.24 -3.85
C THR A 708 7.39 -14.25 -4.75
N ASP A 709 8.07 -13.15 -5.07
CA ASP A 709 7.67 -12.31 -6.20
C ASP A 709 8.02 -13.12 -7.47
N TRP A 710 7.48 -12.71 -8.60
CA TRP A 710 7.44 -13.54 -9.79
C TRP A 710 8.80 -13.66 -10.47
N TRP A 711 9.33 -14.89 -10.49
CA TRP A 711 10.69 -15.22 -10.93
C TRP A 711 11.74 -14.49 -10.10
N ALA A 712 11.49 -14.34 -8.79
CA ALA A 712 12.47 -13.71 -7.91
C ALA A 712 13.70 -14.58 -7.72
N GLN A 713 14.82 -13.92 -7.41
CA GLN A 713 16.04 -14.60 -7.04
C GLN A 713 16.00 -14.97 -5.58
N VAL A 714 16.75 -16.02 -5.25
CA VAL A 714 16.90 -16.52 -3.90
C VAL A 714 18.37 -16.87 -3.71
N ASN A 715 18.88 -16.70 -2.49
CA ASN A 715 20.23 -17.14 -2.16
C ASN A 715 20.37 -17.64 -0.73
N ASP A 716 21.46 -18.35 -0.47
CA ASP A 716 21.93 -18.59 0.89
C ASP A 716 22.84 -17.42 1.20
N ARG A 717 22.90 -16.98 2.46
CA ARG A 717 23.68 -15.77 2.76
C ARG A 717 25.12 -15.94 2.27
N GLY A 718 25.62 -14.92 1.56
CA GLY A 718 26.96 -14.94 0.98
C GLY A 718 27.09 -15.71 -0.32
N GLY A 719 26.04 -16.40 -0.75
CA GLY A 719 26.03 -17.17 -1.99
C GLY A 719 25.47 -16.37 -3.15
N GLU A 720 25.61 -16.93 -4.35
CA GLU A 720 25.11 -16.30 -5.54
C GLU A 720 23.60 -16.45 -5.66
N PRO A 721 22.91 -15.41 -6.16
CA PRO A 721 21.47 -15.50 -6.37
C PRO A 721 21.17 -16.37 -7.59
N THR A 722 20.12 -17.18 -7.51
CA THR A 722 19.59 -17.89 -8.67
C THR A 722 18.09 -17.90 -8.59
N LYS A 723 17.44 -18.25 -9.69
CA LYS A 723 15.98 -18.38 -9.74
C LYS A 723 15.50 -19.82 -9.51
N ASN A 724 16.38 -20.71 -9.05
CA ASN A 724 16.00 -22.10 -8.82
C ASN A 724 16.59 -22.70 -7.54
N ASN A 725 16.99 -21.85 -6.59
CA ASN A 725 17.44 -22.29 -5.27
C ASN A 725 16.20 -22.34 -4.34
N THR A 726 15.33 -23.30 -4.64
CA THR A 726 14.15 -23.57 -3.83
C THR A 726 14.48 -24.15 -2.46
N ALA A 727 15.64 -24.79 -2.32
CA ALA A 727 16.09 -25.27 -1.01
C ALA A 727 16.30 -24.12 -0.04
N ALA A 728 16.98 -23.05 -0.47
CA ALA A 728 17.18 -21.89 0.40
C ALA A 728 15.83 -21.26 0.75
N MET A 729 14.95 -21.18 -0.24
CA MET A 729 13.58 -20.70 -0.07
C MET A 729 12.86 -21.50 1.01
N VAL A 730 12.84 -22.83 0.88
CA VAL A 730 12.15 -23.70 1.85
C VAL A 730 12.82 -23.65 3.23
N ARG A 731 14.15 -23.54 3.28
CA ARG A 731 14.86 -23.38 4.57
C ARG A 731 14.44 -22.13 5.37
N ALA A 732 13.94 -21.12 4.68
CA ALA A 732 13.40 -19.90 5.31
C ALA A 732 11.90 -19.98 5.66
N GLN A 733 11.20 -21.00 5.16
CA GLN A 733 9.74 -21.09 5.20
C GLN A 733 9.06 -20.03 4.30
N ASN A 734 9.70 -19.71 3.16
CA ASN A 734 9.02 -19.10 2.04
C ASN A 734 8.47 -20.30 1.28
N ASP A 735 7.15 -20.47 1.34
CA ASP A 735 6.50 -21.74 0.97
C ASP A 735 6.42 -22.01 -0.53
N LEU A 736 6.26 -20.96 -1.32
CA LEU A 736 5.90 -21.10 -2.74
C LEU A 736 6.86 -20.33 -3.64
N TYR A 737 7.47 -21.04 -4.60
CA TYR A 737 8.22 -20.38 -5.67
C TYR A 737 7.28 -19.97 -6.79
N MET A 738 7.10 -18.66 -6.98
CA MET A 738 6.27 -18.14 -8.05
C MET A 738 7.21 -17.64 -9.16
N VAL A 739 7.22 -18.21 -10.36
CA VAL A 739 6.41 -19.35 -10.82
C VAL A 739 7.28 -20.18 -11.77
N THR A 740 6.79 -21.38 -12.11
CA THR A 740 7.41 -22.28 -13.07
C THR A 740 6.44 -22.59 -14.21
N ALA A 741 6.96 -22.85 -15.40
CA ALA A 741 6.14 -23.18 -16.57
C ALA A 741 5.37 -24.49 -16.40
N ASN A 742 6.02 -25.46 -15.75
CA ASN A 742 5.48 -26.78 -15.57
C ASN A 742 6.01 -27.33 -14.26
N ALA A 743 5.19 -27.24 -13.21
CA ALA A 743 5.61 -27.60 -11.85
C ALA A 743 5.95 -29.08 -11.72
N ALA A 744 5.07 -29.93 -12.25
CA ALA A 744 5.26 -31.39 -12.17
C ALA A 744 6.54 -31.86 -12.88
N MET A 745 6.91 -31.20 -13.98
CA MET A 745 8.15 -31.54 -14.70
C MET A 745 9.40 -30.83 -14.16
N ASN A 746 9.25 -30.02 -13.11
CA ASN A 746 10.38 -29.25 -12.54
C ASN A 746 11.06 -28.47 -13.67
N SER A 747 10.28 -27.66 -14.38
CA SER A 747 10.77 -26.91 -15.54
C SER A 747 11.90 -25.94 -15.20
N ALA A 748 11.95 -25.45 -13.96
CA ALA A 748 13.06 -24.59 -13.51
C ALA A 748 14.36 -25.34 -13.11
N ASN A 749 14.35 -26.67 -13.13
N ASN A 749 14.36 -26.67 -13.16
CA ASN A 749 15.52 -27.48 -12.73
CA ASN A 749 15.50 -27.51 -12.72
C ASN A 749 15.99 -27.08 -11.34
C ASN A 749 15.98 -27.08 -11.34
N ASP A 750 15.05 -27.05 -10.38
CA ASP A 750 15.38 -26.60 -9.02
C ASP A 750 16.14 -27.65 -8.20
N ASN A 751 16.66 -27.21 -7.05
CA ASN A 751 17.57 -28.01 -6.25
C ASN A 751 16.95 -28.64 -5.00
N THR A 752 15.63 -28.73 -4.95
CA THR A 752 14.95 -29.25 -3.76
C THR A 752 15.40 -30.68 -3.46
N LEU A 753 15.25 -31.57 -4.44
CA LEU A 753 15.57 -32.97 -4.23
C LEU A 753 17.07 -33.24 -4.09
N SER A 754 17.91 -32.53 -4.85
CA SER A 754 19.39 -32.70 -4.69
C SER A 754 19.85 -32.26 -3.30
N GLN A 755 19.35 -31.13 -2.82
CA GLN A 755 19.70 -30.67 -1.47
C GLN A 755 19.16 -31.60 -0.38
N LEU A 756 17.99 -32.18 -0.60
CA LEU A 756 17.43 -33.19 0.30
C LEU A 756 18.33 -34.43 0.35
N SER A 757 18.73 -34.91 -0.83
CA SER A 757 19.66 -36.05 -0.96
C SER A 757 20.97 -35.82 -0.17
N GLU A 758 21.50 -34.61 -0.26
CA GLU A 758 22.78 -34.23 0.37
C GLU A 758 22.70 -33.84 1.85
N GLY A 759 21.49 -33.87 2.42
CA GLY A 759 21.29 -33.50 3.81
C GLY A 759 21.35 -32.01 4.09
N LYS A 760 21.33 -31.17 3.06
CA LYS A 760 21.36 -29.71 3.20
C LYS A 760 19.97 -29.12 3.40
N LEU A 761 18.95 -29.86 2.99
CA LEU A 761 17.55 -29.52 3.23
C LEU A 761 16.95 -30.71 3.97
N ASN A 762 16.19 -30.45 5.02
CA ASN A 762 15.54 -31.51 5.81
C ASN A 762 14.11 -31.72 5.32
N ARG A 763 13.69 -32.98 5.24
CA ARG A 763 12.33 -33.32 4.81
C ARG A 763 11.29 -32.61 5.68
N ALA A 764 11.57 -32.45 6.97
CA ALA A 764 10.67 -31.73 7.88
C ALA A 764 10.39 -30.28 7.42
N GLU A 765 11.38 -29.64 6.81
CA GLU A 765 11.22 -28.27 6.31
C GLU A 765 10.27 -28.24 5.11
N LEU A 766 10.41 -29.21 4.20
CA LEU A 766 9.47 -29.35 3.09
C LEU A 766 8.06 -29.67 3.58
N GLN A 767 7.94 -30.56 4.55
CA GLN A 767 6.64 -30.92 5.11
C GLN A 767 5.95 -29.74 5.81
N ARG A 768 6.74 -28.90 6.47
CA ARG A 768 6.20 -27.69 7.09
C ARG A 768 5.58 -26.79 6.02
N CYS A 769 6.30 -26.56 4.93
CA CYS A 769 5.76 -25.79 3.81
C CYS A 769 4.52 -26.41 3.17
N ALA A 770 4.56 -27.73 2.96
CA ALA A 770 3.42 -28.44 2.39
C ALA A 770 2.18 -28.31 3.27
N MET A 771 2.37 -28.40 4.58
CA MET A 771 1.27 -28.21 5.52
C MET A 771 0.72 -26.78 5.48
N ASN A 772 1.58 -25.77 5.36
CA ASN A 772 1.14 -24.38 5.23
C ASN A 772 0.27 -24.21 3.99
N ILE A 773 0.76 -24.74 2.87
CA ILE A 773 0.07 -24.66 1.59
C ILE A 773 -1.29 -25.39 1.63
N CYS A 774 -1.30 -26.61 2.17
CA CYS A 774 -2.56 -27.38 2.25
C CYS A 774 -3.58 -26.78 3.21
N GLU A 775 -3.12 -26.28 4.36
CA GLU A 775 -4.01 -25.62 5.32
C GLU A 775 -4.64 -24.37 4.71
N TYR A 776 -3.84 -23.60 3.97
CA TYR A 776 -4.37 -22.45 3.23
C TYR A 776 -5.36 -22.89 2.16
N ALA A 777 -4.94 -23.82 1.32
CA ALA A 777 -5.73 -24.26 0.18
C ALA A 777 -7.10 -24.80 0.58
N MET A 778 -7.16 -25.55 1.69
CA MET A 778 -8.42 -26.18 2.10
C MET A 778 -9.51 -25.18 2.56
N ASN A 779 -9.12 -23.96 2.91
CA ASN A 779 -10.08 -22.91 3.29
C ASN A 779 -10.45 -21.94 2.16
N THR A 780 -9.94 -22.17 0.94
CA THR A 780 -10.28 -21.35 -0.21
C THR A 780 -11.59 -21.77 -0.88
N MET A 781 -12.09 -20.89 -1.72
CA MET A 781 -13.25 -21.18 -2.55
C MET A 781 -12.97 -22.30 -3.57
N ALA A 782 -11.71 -22.47 -3.97
CA ALA A 782 -11.31 -23.61 -4.82
C ALA A 782 -11.56 -24.96 -4.14
N MET A 783 -11.29 -25.04 -2.84
CA MET A 783 -11.63 -26.24 -2.07
C MET A 783 -13.15 -26.43 -1.99
N LYS A 784 -13.87 -25.34 -1.77
CA LYS A 784 -15.34 -25.40 -1.69
C LYS A 784 -15.94 -25.87 -3.02
N ARG A 785 -15.31 -25.52 -4.14
CA ARG A 785 -15.74 -26.05 -5.45
C ARG A 785 -15.63 -27.57 -5.50
N LEU A 786 -14.54 -28.14 -4.97
CA LEU A 786 -14.39 -29.60 -4.88
C LEU A 786 -15.46 -30.24 -3.99
N CYS A 787 -15.82 -29.58 -2.90
CA CYS A 787 -16.83 -30.07 -1.95
C CYS A 787 -18.28 -29.74 -2.33
N ARG A 788 -18.47 -29.02 -3.44
CA ARG A 788 -19.79 -28.54 -3.87
C ARG A 788 -20.53 -27.69 -2.81
N ASN A 789 -19.79 -26.85 -2.08
CA ASN A 789 -20.41 -25.86 -1.19
C ASN A 789 -19.81 -24.46 -1.42
N ASP A 790 -19.45 -24.18 -2.68
CA ASP A 790 -18.97 -22.85 -3.08
C ASP A 790 -20.14 -21.89 -3.30
N ILE A 791 -19.82 -20.61 -3.34
CA ILE A 791 -20.78 -19.57 -3.70
C ILE A 791 -20.82 -19.43 -5.23
N LYS A 792 -22.02 -19.46 -5.81
CA LYS A 792 -22.21 -19.16 -7.22
C LYS A 792 -22.63 -17.70 -7.34
N VAL A 793 -21.95 -16.95 -8.21
CA VAL A 793 -22.20 -15.53 -8.37
C VAL A 793 -22.86 -15.24 -9.73
N GLU A 794 -23.85 -14.35 -9.72
CA GLU A 794 -24.50 -13.84 -10.92
C GLU A 794 -24.36 -12.33 -10.93
N ILE A 795 -23.90 -11.78 -12.06
CA ILE A 795 -23.74 -10.34 -12.20
C ILE A 795 -25.04 -9.76 -12.74
N ALA A 796 -25.58 -8.76 -12.05
CA ALA A 796 -26.82 -8.10 -12.47
C ALA A 796 -26.57 -6.63 -12.77
N GLY A 797 -27.29 -6.11 -13.76
CA GLY A 797 -27.37 -4.68 -14.06
C GLY A 797 -26.25 -4.07 -14.87
N ARG A 798 -26.00 -4.62 -16.06
CA ARG A 798 -25.03 -4.07 -17.01
C ARG A 798 -25.72 -3.28 -18.13
#